data_7C95
#
_entry.id   7C95
#
_cell.length_a   53.720
_cell.length_b   65.850
_cell.length_c   117.750
_cell.angle_alpha   90.000
_cell.angle_beta   97.274
_cell.angle_gamma   90.000
#
_symmetry.space_group_name_H-M   'P 1 21 1'
#
loop_
_entity.id
_entity.type
_entity.pdbx_description
1 polymer 'Light chain of Fab fragment'
2 polymer 'Heavy chain of Fab fragment'
3 non-polymer GLYCEROL
4 non-polymer 'SULFATE ION'
5 non-polymer 'TRIETHYLENE GLYCOL'
6 water water
#
loop_
_entity_poly.entity_id
_entity_poly.type
_entity_poly.pdbx_seq_one_letter_code
_entity_poly.pdbx_strand_id
1 'polypeptide(L)'
;DIVMTQSPSSLAMSVGQKVTMNCKSSQSLLNSSNQKNYLAWYQQKPGQSPKLLVYFASTRESGVPDRFIGSGSGTDFTLT
ISSAQAEDLADYFCQQYYSTPPTFGAGTKLELKRADAAPTVSIFPPSSEQLTSGGASVVCFLNNFYPKDINVKWKIDGSE
RQNGVLNSWTDQDSKDSTYSMSSTLTLTKDEYERHNSYTCEATHKTSTSPIVKSFNRNEC
;
C,A
2 'polypeptide(L)'
;EVQLVESGGGLVKPGGSLKLSCAASGFTFTRYAMSWVRQTPEKRLEWVATISNGGSYTYYLDSVKGRFTLSRDNAKNTLY
LQMSSLRSEDTAMYYCARREGGQAGPAWFVYWGQGTLVTVSAAKTTPPSVYPLAPGSAAQTNSMVTLGCLVKGYFPEPVT
VTWNSGSLSSGVHTFPAVLQSDLYTLSSSVTVPSSTWPSETVTCNVAHPASSTKVDKKIVPRDCG
;
D,B
#
loop_
_chem_comp.id
_chem_comp.type
_chem_comp.name
_chem_comp.formula
GOL non-polymer GLYCEROL 'C3 H8 O3'
PGE non-polymer 'TRIETHYLENE GLYCOL' 'C6 H14 O4'
SO4 non-polymer 'SULFATE ION' 'O4 S -2'
#
# COMPACT_ATOMS: atom_id res chain seq x y z
N ASP A 1 -3.46 -43.92 -26.97
CA ASP A 1 -4.03 -42.78 -26.27
C ASP A 1 -5.44 -42.47 -26.78
N ILE A 2 -6.45 -43.08 -26.13
CA ILE A 2 -7.83 -42.90 -26.53
C ILE A 2 -8.30 -41.50 -26.15
N VAL A 3 -8.82 -40.76 -27.13
CA VAL A 3 -9.31 -39.41 -26.92
C VAL A 3 -10.78 -39.46 -26.51
N MET A 4 -11.09 -38.89 -25.36
CA MET A 4 -12.47 -38.82 -24.85
C MET A 4 -12.98 -37.40 -25.08
N THR A 5 -13.96 -37.26 -25.97
CA THR A 5 -14.52 -35.97 -26.34
C THR A 5 -15.92 -35.84 -25.74
N GLN A 6 -16.14 -34.76 -25.00
CA GLN A 6 -17.43 -34.53 -24.33
C GLN A 6 -18.14 -33.35 -24.98
N SER A 7 -19.34 -33.60 -25.50
CA SER A 7 -20.16 -32.58 -26.13
C SER A 7 -21.50 -32.47 -25.42
N PRO A 8 -22.00 -31.26 -25.18
CA PRO A 8 -21.23 -30.02 -25.43
C PRO A 8 -20.38 -29.67 -24.21
N SER A 9 -19.65 -28.55 -24.29
CA SER A 9 -18.81 -28.17 -23.16
C SER A 9 -19.64 -27.73 -21.95
N SER A 10 -20.84 -27.18 -22.19
CA SER A 10 -21.72 -26.80 -21.11
C SER A 10 -23.16 -27.05 -21.52
N LEU A 11 -24.00 -27.31 -20.52
CA LEU A 11 -25.40 -27.69 -20.72
C LEU A 11 -26.26 -26.89 -19.76
N ALA A 12 -27.33 -26.29 -20.27
CA ALA A 12 -28.25 -25.50 -19.47
C ALA A 12 -29.65 -26.09 -19.57
N MET A 13 -30.25 -26.40 -18.43
N MET A 13 -30.27 -26.37 -18.43
CA MET A 13 -31.61 -26.92 -18.37
CA MET A 13 -31.62 -26.91 -18.39
C MET A 13 -32.32 -26.37 -17.14
C MET A 13 -32.32 -26.43 -17.13
N SER A 14 -33.65 -26.33 -17.21
CA SER A 14 -34.44 -25.91 -16.07
C SER A 14 -34.55 -27.02 -15.04
N VAL A 15 -34.84 -26.63 -13.79
CA VAL A 15 -35.04 -27.60 -12.73
C VAL A 15 -36.24 -28.47 -13.06
N GLY A 16 -36.08 -29.78 -12.96
CA GLY A 16 -37.14 -30.71 -13.24
C GLY A 16 -37.14 -31.28 -14.65
N GLN A 17 -36.34 -30.74 -15.55
CA GLN A 17 -36.27 -31.19 -16.93
C GLN A 17 -35.09 -32.13 -17.13
N LYS A 18 -35.06 -32.75 -18.31
CA LYS A 18 -34.13 -33.83 -18.61
C LYS A 18 -32.83 -33.29 -19.19
N VAL A 19 -31.71 -33.81 -18.69
CA VAL A 19 -30.38 -33.44 -19.17
C VAL A 19 -29.74 -34.67 -19.81
N THR A 20 -29.17 -34.48 -20.99
CA THR A 20 -28.47 -35.54 -21.72
C THR A 20 -27.09 -35.02 -22.12
N MET A 21 -26.05 -35.71 -21.66
CA MET A 21 -24.66 -35.33 -21.92
C MET A 21 -23.97 -36.44 -22.70
N ASN A 22 -23.25 -36.07 -23.75
CA ASN A 22 -22.64 -37.02 -24.66
C ASN A 22 -21.14 -37.12 -24.41
N CYS A 23 -20.58 -38.28 -24.76
CA CYS A 23 -19.15 -38.55 -24.59
C CYS A 23 -18.72 -39.48 -25.72
N LYS A 24 -17.81 -39.01 -26.57
CA LYS A 24 -17.31 -39.76 -27.71
C LYS A 24 -15.88 -40.21 -27.43
N SER A 25 -15.58 -41.48 -27.73
CA SER A 25 -14.26 -42.04 -27.54
C SER A 25 -13.59 -42.24 -28.90
N SER A 26 -12.57 -43.11 -28.94
CA SER A 26 -11.89 -43.45 -30.18
C SER A 26 -11.92 -44.92 -30.52
N GLN A 27 -12.28 -45.78 -29.57
CA GLN A 27 -12.32 -47.23 -29.79
C GLN A 27 -13.48 -47.82 -29.00
N SER A 28 -13.93 -48.99 -29.46
CA SER A 28 -14.99 -49.70 -28.75
C SER A 28 -14.52 -50.09 -27.36
N LEU A 29 -15.34 -49.82 -26.36
CA LEU A 29 -15.04 -50.18 -24.98
C LEU A 29 -15.82 -51.41 -24.52
N LEU A 30 -16.53 -52.07 -25.43
CA LEU A 30 -17.27 -53.27 -25.11
C LEU A 30 -16.37 -54.49 -25.19
N ASN A 31 -16.41 -55.32 -24.15
CA ASN A 31 -15.65 -56.57 -24.09
C ASN A 31 -16.57 -57.71 -24.45
N SER A 32 -16.31 -58.36 -25.58
CA SER A 32 -17.17 -59.45 -26.04
C SER A 32 -16.98 -60.74 -25.25
N SER A 33 -16.08 -60.77 -24.26
CA SER A 33 -15.93 -61.99 -23.46
C SER A 33 -16.93 -62.04 -22.31
N ASN A 34 -17.42 -60.88 -21.85
CA ASN A 34 -18.48 -60.85 -20.85
C ASN A 34 -19.54 -59.79 -21.15
N GLN A 35 -19.50 -59.17 -22.34
CA GLN A 35 -20.52 -58.23 -22.79
C GLN A 35 -20.68 -57.06 -21.80
N LYS A 36 -19.60 -56.27 -21.67
CA LYS A 36 -19.58 -55.12 -20.78
C LYS A 36 -18.74 -54.00 -21.40
N ASN A 37 -19.18 -52.75 -21.20
CA ASN A 37 -18.53 -51.58 -21.79
C ASN A 37 -17.64 -50.89 -20.76
N TYR A 38 -16.42 -50.53 -21.17
CA TYR A 38 -15.40 -50.07 -20.23
C TYR A 38 -15.38 -48.53 -20.18
N LEU A 39 -16.42 -48.00 -19.54
CA LEU A 39 -16.65 -46.56 -19.46
C LEU A 39 -17.22 -46.23 -18.09
N ALA A 40 -16.85 -45.06 -17.57
CA ALA A 40 -17.34 -44.60 -16.28
C ALA A 40 -17.65 -43.11 -16.34
N TRP A 41 -18.58 -42.69 -15.49
CA TRP A 41 -19.00 -41.29 -15.37
C TRP A 41 -18.72 -40.78 -13.97
N TYR A 42 -18.23 -39.54 -13.88
CA TYR A 42 -17.90 -38.91 -12.62
C TYR A 42 -18.60 -37.56 -12.51
N GLN A 43 -19.06 -37.23 -11.29
CA GLN A 43 -19.61 -35.93 -10.98
C GLN A 43 -18.67 -35.20 -10.03
N GLN A 44 -18.29 -33.97 -10.40
CA GLN A 44 -17.42 -33.17 -9.56
C GLN A 44 -18.07 -31.82 -9.30
N LYS A 45 -18.45 -31.58 -8.04
CA LYS A 45 -19.03 -30.31 -7.64
C LYS A 45 -17.92 -29.35 -7.23
N PRO A 46 -18.22 -28.05 -7.16
CA PRO A 46 -17.19 -27.07 -6.78
C PRO A 46 -16.52 -27.40 -5.47
N GLY A 47 -15.18 -27.44 -5.48
CA GLY A 47 -14.39 -27.65 -4.29
C GLY A 47 -14.31 -29.08 -3.79
N GLN A 48 -14.78 -30.05 -4.57
CA GLN A 48 -14.84 -31.43 -4.12
C GLN A 48 -14.08 -32.34 -5.08
N SER A 49 -13.76 -33.54 -4.60
CA SER A 49 -13.21 -34.57 -5.44
C SER A 49 -14.28 -35.06 -6.42
N PRO A 50 -13.87 -35.59 -7.57
CA PRO A 50 -14.84 -36.27 -8.43
C PRO A 50 -15.46 -37.45 -7.71
N LYS A 51 -16.73 -37.70 -8.00
CA LYS A 51 -17.51 -38.74 -7.36
C LYS A 51 -18.05 -39.67 -8.45
N LEU A 52 -17.85 -40.96 -8.28
CA LEU A 52 -18.27 -41.92 -9.30
C LEU A 52 -19.79 -42.06 -9.28
N LEU A 53 -20.42 -41.85 -10.43
CA LEU A 53 -21.86 -42.06 -10.59
C LEU A 53 -22.15 -43.40 -11.25
N VAL A 54 -21.59 -43.62 -12.44
CA VAL A 54 -21.86 -44.82 -13.23
C VAL A 54 -20.54 -45.46 -13.62
N TYR A 55 -20.46 -46.79 -13.47
CA TYR A 55 -19.37 -47.58 -14.00
C TYR A 55 -19.94 -48.63 -14.96
N PHE A 56 -19.06 -49.13 -15.84
CA PHE A 56 -19.45 -50.12 -16.85
C PHE A 56 -20.57 -49.59 -17.75
N ALA A 57 -20.48 -48.31 -18.08
CA ALA A 57 -21.37 -47.58 -18.99
C ALA A 57 -22.77 -47.36 -18.40
N SER A 58 -23.33 -48.36 -17.73
CA SER A 58 -24.70 -48.25 -17.25
C SER A 58 -24.93 -48.77 -15.84
N THR A 59 -23.92 -49.25 -15.13
CA THR A 59 -24.11 -49.72 -13.76
C THR A 59 -24.00 -48.54 -12.79
N ARG A 60 -25.04 -48.32 -12.00
CA ARG A 60 -25.10 -47.17 -11.11
C ARG A 60 -24.46 -47.51 -9.76
N GLU A 61 -23.56 -46.64 -9.30
CA GLU A 61 -22.89 -46.87 -8.02
C GLU A 61 -23.88 -46.83 -6.87
N SER A 62 -23.65 -47.68 -5.88
CA SER A 62 -24.50 -47.72 -4.70
C SER A 62 -24.58 -46.35 -4.04
N GLY A 63 -25.79 -45.82 -3.93
CA GLY A 63 -26.02 -44.52 -3.33
C GLY A 63 -26.36 -43.41 -4.31
N VAL A 64 -26.12 -43.62 -5.60
CA VAL A 64 -26.44 -42.60 -6.60
C VAL A 64 -27.95 -42.58 -6.81
N PRO A 65 -28.58 -41.40 -6.80
CA PRO A 65 -30.04 -41.36 -7.01
C PRO A 65 -30.43 -41.90 -8.37
N ASP A 66 -31.66 -42.43 -8.44
CA ASP A 66 -32.14 -43.12 -9.63
C ASP A 66 -32.28 -42.21 -10.84
N ARG A 67 -32.21 -40.89 -10.67
CA ARG A 67 -32.36 -39.98 -11.80
C ARG A 67 -31.13 -39.94 -12.70
N PHE A 68 -30.02 -40.56 -12.27
CA PHE A 68 -28.81 -40.64 -13.09
C PHE A 68 -28.82 -41.96 -13.85
N ILE A 69 -28.89 -41.88 -15.18
CA ILE A 69 -28.93 -43.06 -16.04
C ILE A 69 -27.76 -42.96 -17.02
N GLY A 70 -27.00 -44.04 -17.13
CA GLY A 70 -25.92 -44.15 -18.10
C GLY A 70 -26.31 -45.11 -19.22
N SER A 71 -25.93 -44.77 -20.44
CA SER A 71 -26.24 -45.59 -21.60
C SER A 71 -25.16 -45.38 -22.66
N GLY A 72 -25.17 -46.25 -23.66
CA GLY A 72 -24.23 -46.18 -24.76
C GLY A 72 -23.44 -47.46 -24.93
N SER A 73 -22.64 -47.47 -26.00
CA SER A 73 -21.84 -48.63 -26.37
C SER A 73 -20.86 -48.18 -27.45
N GLY A 74 -19.78 -48.95 -27.59
CA GLY A 74 -18.79 -48.66 -28.61
C GLY A 74 -18.02 -47.38 -28.37
N THR A 75 -18.33 -46.34 -29.15
CA THR A 75 -17.60 -45.08 -29.06
C THR A 75 -18.51 -43.89 -28.71
N ASP A 76 -19.79 -44.12 -28.41
CA ASP A 76 -20.71 -43.04 -28.08
C ASP A 76 -21.49 -43.41 -26.83
N PHE A 77 -21.40 -42.56 -25.81
CA PHE A 77 -22.01 -42.84 -24.52
C PHE A 77 -22.80 -41.62 -24.06
N THR A 78 -23.76 -41.87 -23.17
CA THR A 78 -24.68 -40.83 -22.72
C THR A 78 -24.89 -40.93 -21.22
N LEU A 79 -24.88 -39.77 -20.55
CA LEU A 79 -25.31 -39.65 -19.17
C LEU A 79 -26.60 -38.85 -19.14
N THR A 80 -27.68 -39.47 -18.65
CA THR A 80 -28.98 -38.83 -18.58
C THR A 80 -29.33 -38.53 -17.13
N ILE A 81 -29.76 -37.30 -16.88
CA ILE A 81 -30.39 -36.90 -15.62
C ILE A 81 -31.86 -36.69 -15.94
N SER A 82 -32.72 -37.61 -15.47
CA SER A 82 -34.11 -37.58 -15.88
C SER A 82 -34.83 -36.32 -15.41
N SER A 83 -34.41 -35.73 -14.29
CA SER A 83 -35.00 -34.48 -13.82
C SER A 83 -33.96 -33.75 -12.97
N ALA A 84 -33.37 -32.71 -13.54
CA ALA A 84 -32.27 -32.00 -12.88
C ALA A 84 -32.75 -31.33 -11.59
N GLN A 85 -31.98 -31.52 -10.53
CA GLN A 85 -32.22 -30.86 -9.25
C GLN A 85 -31.16 -29.80 -9.00
N ALA A 86 -31.46 -28.91 -8.06
CA ALA A 86 -30.58 -27.78 -7.76
C ALA A 86 -29.18 -28.27 -7.37
N GLU A 87 -29.10 -29.38 -6.66
CA GLU A 87 -27.80 -29.89 -6.22
C GLU A 87 -26.97 -30.47 -7.38
N ASP A 88 -27.62 -30.84 -8.49
CA ASP A 88 -26.92 -31.51 -9.59
C ASP A 88 -25.96 -30.58 -10.34
N LEU A 89 -25.90 -29.31 -9.98
CA LEU A 89 -24.86 -28.41 -10.50
C LEU A 89 -23.48 -29.01 -10.25
N ALA A 90 -22.74 -29.25 -11.32
CA ALA A 90 -21.45 -29.91 -11.24
C ALA A 90 -20.82 -29.97 -12.62
N ASP A 91 -19.59 -30.46 -12.66
CA ASP A 91 -18.91 -30.82 -13.89
C ASP A 91 -18.88 -32.34 -14.01
N TYR A 92 -19.39 -32.86 -15.12
CA TYR A 92 -19.50 -34.30 -15.33
C TYR A 92 -18.44 -34.76 -16.31
N PHE A 93 -17.63 -35.75 -15.91
CA PHE A 93 -16.55 -36.29 -16.71
C PHE A 93 -16.82 -37.75 -17.05
N CYS A 94 -16.54 -38.13 -18.29
CA CYS A 94 -16.46 -39.54 -18.63
C CYS A 94 -15.00 -39.99 -18.62
N GLN A 95 -14.80 -41.30 -18.48
CA GLN A 95 -13.46 -41.87 -18.43
C GLN A 95 -13.49 -43.28 -18.98
N GLN A 96 -12.54 -43.61 -19.84
CA GLN A 96 -12.37 -44.96 -20.32
C GLN A 96 -11.29 -45.66 -19.51
N TYR A 97 -11.47 -46.97 -19.31
CA TYR A 97 -10.43 -47.81 -18.72
C TYR A 97 -10.22 -49.06 -19.58
N TYR A 98 -10.37 -48.90 -20.89
CA TYR A 98 -10.14 -50.02 -21.80
C TYR A 98 -8.66 -50.34 -21.92
N SER A 99 -7.84 -49.32 -22.19
CA SER A 99 -6.40 -49.51 -22.35
C SER A 99 -5.65 -48.38 -21.66
N THR A 100 -4.56 -48.73 -21.02
CA THR A 100 -3.66 -47.75 -20.43
C THR A 100 -3.09 -46.85 -21.52
N PRO A 101 -3.02 -45.53 -21.30
CA PRO A 101 -3.40 -44.84 -20.07
C PRO A 101 -4.89 -44.54 -19.96
N PRO A 102 -5.46 -44.71 -18.77
CA PRO A 102 -6.83 -44.24 -18.53
C PRO A 102 -6.95 -42.77 -18.86
N THR A 103 -7.96 -42.41 -19.66
CA THR A 103 -8.13 -41.05 -20.12
C THR A 103 -9.53 -40.56 -19.76
N PHE A 104 -9.62 -39.27 -19.45
CA PHE A 104 -10.87 -38.61 -19.11
C PHE A 104 -11.25 -37.63 -20.21
N GLY A 105 -12.55 -37.39 -20.33
CA GLY A 105 -13.01 -36.28 -21.14
C GLY A 105 -12.83 -34.95 -20.43
N ALA A 106 -12.90 -33.88 -21.23
CA ALA A 106 -12.73 -32.53 -20.70
C ALA A 106 -13.85 -32.10 -19.77
N GLY A 107 -14.96 -32.81 -19.74
CA GLY A 107 -16.04 -32.50 -18.82
C GLY A 107 -17.14 -31.69 -19.48
N THR A 108 -18.36 -31.86 -18.99
CA THR A 108 -19.49 -31.04 -19.38
C THR A 108 -20.08 -30.39 -18.14
N LYS A 109 -20.08 -29.07 -18.10
CA LYS A 109 -20.66 -28.33 -16.99
C LYS A 109 -22.18 -28.30 -17.13
N LEU A 110 -22.88 -28.63 -16.06
CA LEU A 110 -24.34 -28.53 -16.04
C LEU A 110 -24.72 -27.21 -15.40
N GLU A 111 -25.38 -26.36 -16.17
CA GLU A 111 -25.92 -25.10 -15.69
C GLU A 111 -27.42 -25.22 -15.52
N LEU A 112 -27.97 -24.59 -14.49
CA LEU A 112 -29.40 -24.61 -14.25
C LEU A 112 -30.03 -23.33 -14.77
N LYS A 113 -31.21 -23.47 -15.38
CA LYS A 113 -31.98 -22.32 -15.84
C LYS A 113 -32.97 -21.91 -14.77
N ARG A 114 -33.29 -20.62 -14.75
CA ARG A 114 -34.23 -20.06 -13.79
C ARG A 114 -34.64 -18.67 -14.29
N ALA A 115 -35.49 -18.00 -13.52
CA ALA A 115 -35.97 -16.68 -13.89
C ALA A 115 -34.85 -15.65 -13.77
N ASP A 116 -34.91 -14.61 -14.61
CA ASP A 116 -33.97 -13.51 -14.50
C ASP A 116 -34.02 -12.91 -13.11
N ALA A 117 -32.87 -12.42 -12.64
CA ALA A 117 -32.73 -11.87 -11.31
C ALA A 117 -31.66 -10.77 -11.36
N ALA A 118 -32.02 -9.58 -10.89
CA ALA A 118 -31.08 -8.48 -10.92
C ALA A 118 -30.02 -8.64 -9.83
N PRO A 119 -28.78 -8.26 -10.11
CA PRO A 119 -27.74 -8.34 -9.08
C PRO A 119 -28.02 -7.41 -7.92
N THR A 120 -27.66 -7.85 -6.72
CA THR A 120 -27.58 -6.97 -5.56
C THR A 120 -26.17 -6.37 -5.57
N VAL A 121 -26.08 -5.06 -5.79
CA VAL A 121 -24.80 -4.40 -6.01
C VAL A 121 -24.39 -3.66 -4.74
N SER A 122 -23.14 -3.86 -4.33
CA SER A 122 -22.55 -3.18 -3.17
C SER A 122 -21.17 -2.69 -3.57
N ILE A 123 -20.87 -1.43 -3.24
CA ILE A 123 -19.56 -0.85 -3.52
C ILE A 123 -18.90 -0.49 -2.19
N PHE A 124 -17.58 -0.64 -2.13
CA PHE A 124 -16.83 -0.47 -0.89
C PHE A 124 -15.62 0.42 -1.14
N PRO A 125 -15.47 1.50 -0.38
CA PRO A 125 -14.27 2.33 -0.51
C PRO A 125 -13.04 1.59 -0.03
N PRO A 126 -11.84 2.04 -0.39
CA PRO A 126 -10.63 1.45 0.18
C PRO A 126 -10.60 1.62 1.69
N SER A 127 -10.13 0.59 2.38
CA SER A 127 -9.94 0.68 3.82
C SER A 127 -8.77 1.61 4.12
N SER A 128 -8.80 2.20 5.33
CA SER A 128 -7.70 3.08 5.73
C SER A 128 -6.38 2.33 5.80
N GLU A 129 -6.43 1.06 6.20
CA GLU A 129 -5.21 0.26 6.25
C GLU A 129 -4.49 0.24 4.90
N GLN A 130 -5.23 -0.05 3.83
CA GLN A 130 -4.62 -0.10 2.50
C GLN A 130 -4.11 1.28 2.08
N LEU A 131 -4.86 2.33 2.40
CA LEU A 131 -4.44 3.68 2.01
C LEU A 131 -3.13 4.08 2.69
N THR A 132 -2.93 3.67 3.94
CA THR A 132 -1.68 3.99 4.62
C THR A 132 -0.48 3.38 3.89
N SER A 133 -0.66 2.22 3.28
CA SER A 133 0.42 1.54 2.57
C SER A 133 0.52 1.95 1.11
N GLY A 134 -0.21 2.97 0.69
CA GLY A 134 -0.11 3.50 -0.67
C GLY A 134 -1.07 2.90 -1.67
N GLY A 135 -1.97 2.03 -1.25
CA GLY A 135 -2.86 1.36 -2.19
C GLY A 135 -4.31 1.77 -2.04
N ALA A 136 -5.14 1.46 -3.04
CA ALA A 136 -6.54 1.88 -3.04
C ALA A 136 -7.32 0.92 -3.93
N SER A 137 -7.84 -0.14 -3.34
CA SER A 137 -8.70 -1.09 -4.06
C SER A 137 -10.15 -0.73 -3.77
N VAL A 138 -10.91 -0.44 -4.82
CA VAL A 138 -12.33 -0.18 -4.73
C VAL A 138 -13.06 -1.45 -5.17
N VAL A 139 -13.85 -2.04 -4.28
CA VAL A 139 -14.43 -3.36 -4.48
C VAL A 139 -15.93 -3.22 -4.70
N CYS A 140 -16.44 -3.96 -5.68
CA CYS A 140 -17.87 -3.97 -5.99
C CYS A 140 -18.34 -5.41 -6.12
N PHE A 141 -19.41 -5.75 -5.39
CA PHE A 141 -20.03 -7.07 -5.46
C PHE A 141 -21.33 -6.98 -6.25
N LEU A 142 -21.50 -7.90 -7.20
CA LEU A 142 -22.73 -8.09 -7.95
C LEU A 142 -23.21 -9.50 -7.63
N ASN A 143 -24.16 -9.62 -6.70
CA ASN A 143 -24.45 -10.90 -6.06
C ASN A 143 -25.85 -11.40 -6.45
N ASN A 144 -25.93 -12.72 -6.67
CA ASN A 144 -27.20 -13.44 -6.83
C ASN A 144 -28.03 -12.90 -8.01
N PHE A 145 -27.42 -12.94 -9.19
CA PHE A 145 -28.11 -12.54 -10.40
C PHE A 145 -28.23 -13.73 -11.35
N TYR A 146 -29.07 -13.55 -12.38
CA TYR A 146 -29.25 -14.52 -13.44
C TYR A 146 -29.80 -13.78 -14.65
N PRO A 147 -29.34 -14.09 -15.87
CA PRO A 147 -28.34 -15.12 -16.21
C PRO A 147 -26.91 -14.68 -16.00
N LYS A 148 -25.96 -15.54 -16.41
CA LYS A 148 -24.54 -15.34 -16.13
C LYS A 148 -23.99 -14.08 -16.79
N ASP A 149 -24.50 -13.73 -17.97
CA ASP A 149 -23.96 -12.57 -18.68
C ASP A 149 -24.28 -11.29 -17.89
N ILE A 150 -23.24 -10.55 -17.56
CA ILE A 150 -23.39 -9.27 -16.88
C ILE A 150 -22.08 -8.51 -17.04
N ASN A 151 -22.19 -7.22 -17.34
CA ASN A 151 -21.04 -6.38 -17.64
C ASN A 151 -20.96 -5.30 -16.58
N VAL A 152 -19.82 -5.23 -15.91
CA VAL A 152 -19.57 -4.19 -14.91
C VAL A 152 -18.83 -3.04 -15.58
N LYS A 153 -19.22 -1.82 -15.24
CA LYS A 153 -18.54 -0.63 -15.72
C LYS A 153 -18.18 0.21 -14.51
N TRP A 154 -16.97 0.76 -14.54
CA TRP A 154 -16.48 1.63 -13.47
C TRP A 154 -16.38 3.06 -13.99
N LYS A 155 -16.81 4.00 -13.17
CA LYS A 155 -16.65 5.41 -13.50
C LYS A 155 -16.04 6.14 -12.32
N ILE A 156 -15.11 7.04 -12.63
CA ILE A 156 -14.41 7.85 -11.65
C ILE A 156 -14.68 9.31 -12.01
N ASP A 157 -15.39 10.02 -11.14
CA ASP A 157 -15.80 11.41 -11.40
C ASP A 157 -16.61 11.52 -12.70
N GLY A 158 -17.38 10.48 -13.02
CA GLY A 158 -18.23 10.47 -14.20
C GLY A 158 -17.61 9.86 -15.44
N SER A 159 -16.29 9.73 -15.49
CA SER A 159 -15.60 9.19 -16.66
C SER A 159 -15.31 7.71 -16.48
N GLU A 160 -15.47 6.94 -17.55
CA GLU A 160 -15.24 5.50 -17.49
C GLU A 160 -13.78 5.20 -17.17
N ARG A 161 -13.56 4.11 -16.45
CA ARG A 161 -12.23 3.64 -16.09
C ARG A 161 -12.15 2.14 -16.38
N GLN A 162 -11.17 1.74 -17.17
CA GLN A 162 -11.00 0.34 -17.56
C GLN A 162 -9.70 -0.28 -17.05
N ASN A 163 -8.65 0.50 -16.87
CA ASN A 163 -7.40 -0.04 -16.34
C ASN A 163 -7.52 -0.34 -14.86
N GLY A 164 -6.86 -1.41 -14.42
CA GLY A 164 -6.84 -1.77 -13.02
C GLY A 164 -8.06 -2.52 -12.52
N VAL A 165 -8.90 -3.04 -13.42
CA VAL A 165 -10.11 -3.75 -13.04
C VAL A 165 -9.87 -5.25 -13.20
N LEU A 166 -10.16 -6.01 -12.14
CA LEU A 166 -10.11 -7.47 -12.18
C LEU A 166 -11.42 -8.03 -11.69
N ASN A 167 -11.94 -9.01 -12.44
CA ASN A 167 -13.27 -9.56 -12.23
C ASN A 167 -13.18 -11.04 -11.85
N SER A 168 -14.14 -11.48 -11.04
CA SER A 168 -14.17 -12.87 -10.59
C SER A 168 -15.61 -13.33 -10.45
N TRP A 169 -15.92 -14.50 -11.01
CA TRP A 169 -17.26 -15.09 -10.96
C TRP A 169 -17.26 -16.34 -10.11
N THR A 170 -18.27 -16.46 -9.25
CA THR A 170 -18.47 -17.73 -8.56
C THR A 170 -19.10 -18.75 -9.51
N ASP A 171 -18.99 -20.02 -9.15
CA ASP A 171 -19.81 -21.03 -9.78
C ASP A 171 -21.28 -20.81 -9.41
N GLN A 172 -22.17 -21.30 -10.26
CA GLN A 172 -23.60 -21.14 -10.00
C GLN A 172 -23.97 -21.69 -8.63
N ASP A 173 -24.74 -20.91 -7.89
CA ASP A 173 -25.16 -21.28 -6.54
C ASP A 173 -26.08 -22.49 -6.59
N SER A 174 -25.77 -23.51 -5.79
CA SER A 174 -26.53 -24.76 -5.80
C SER A 174 -27.85 -24.67 -5.04
N LYS A 175 -28.17 -23.51 -4.46
CA LYS A 175 -29.45 -23.31 -3.78
C LYS A 175 -30.46 -22.58 -4.66
N ASP A 176 -30.13 -21.37 -5.11
CA ASP A 176 -31.05 -20.55 -5.89
C ASP A 176 -30.65 -20.43 -7.36
N SER A 177 -29.63 -21.15 -7.80
CA SER A 177 -29.20 -21.19 -9.19
C SER A 177 -28.77 -19.83 -9.74
N THR A 178 -28.35 -18.90 -8.88
CA THR A 178 -27.87 -17.61 -9.32
C THR A 178 -26.34 -17.61 -9.41
N TYR A 179 -25.82 -16.54 -10.01
CA TYR A 179 -24.39 -16.26 -10.11
C TYR A 179 -24.06 -15.01 -9.31
N SER A 180 -22.81 -14.91 -8.89
CA SER A 180 -22.30 -13.71 -8.25
C SER A 180 -20.96 -13.33 -8.88
N MET A 181 -20.62 -12.05 -8.79
CA MET A 181 -19.42 -11.54 -9.45
C MET A 181 -18.78 -10.48 -8.58
N SER A 182 -17.45 -10.51 -8.51
CA SER A 182 -16.66 -9.53 -7.77
C SER A 182 -15.81 -8.74 -8.74
N SER A 183 -15.82 -7.41 -8.60
CA SER A 183 -15.07 -6.52 -9.47
C SER A 183 -14.26 -5.57 -8.61
N THR A 184 -12.94 -5.61 -8.75
CA THR A 184 -12.03 -4.78 -7.96
C THR A 184 -11.33 -3.80 -8.87
N LEU A 185 -11.48 -2.51 -8.57
CA LEU A 185 -10.74 -1.44 -9.23
C LEU A 185 -9.54 -1.09 -8.34
N THR A 186 -8.34 -1.42 -8.79
CA THR A 186 -7.12 -1.21 -8.01
C THR A 186 -6.43 0.05 -8.51
N LEU A 187 -6.37 1.07 -7.67
CA LEU A 187 -5.73 2.34 -7.98
C LEU A 187 -4.59 2.57 -6.99
N THR A 188 -3.75 3.55 -7.32
CA THR A 188 -2.81 4.03 -6.32
C THR A 188 -3.54 4.91 -5.31
N LYS A 189 -2.93 5.09 -4.14
CA LYS A 189 -3.49 6.03 -3.18
C LYS A 189 -3.55 7.44 -3.77
N ASP A 190 -2.52 7.83 -4.50
CA ASP A 190 -2.48 9.20 -5.04
C ASP A 190 -3.62 9.45 -6.02
N GLU A 191 -3.89 8.48 -6.90
CA GLU A 191 -4.98 8.68 -7.86
C GLU A 191 -6.34 8.62 -7.18
N TYR A 192 -6.50 7.72 -6.21
CA TYR A 192 -7.75 7.66 -5.46
C TYR A 192 -8.03 8.97 -4.74
N GLU A 193 -6.98 9.61 -4.22
CA GLU A 193 -7.16 10.88 -3.51
C GLU A 193 -7.39 12.04 -4.47
N ARG A 194 -7.05 11.88 -5.75
CA ARG A 194 -7.23 12.94 -6.73
C ARG A 194 -8.66 13.04 -7.26
N HIS A 195 -9.54 12.12 -6.88
CA HIS A 195 -10.91 12.11 -7.38
C HIS A 195 -11.87 11.93 -6.21
N ASN A 196 -13.16 12.15 -6.47
CA ASN A 196 -14.16 12.13 -5.40
C ASN A 196 -15.18 11.01 -5.56
N SER A 197 -15.90 10.93 -6.68
CA SER A 197 -16.99 9.97 -6.83
C SER A 197 -16.54 8.73 -7.58
N TYR A 198 -16.88 7.57 -7.05
CA TYR A 198 -16.55 6.29 -7.67
C TYR A 198 -17.84 5.51 -7.85
N THR A 199 -18.07 4.99 -9.06
CA THR A 199 -19.35 4.38 -9.41
C THR A 199 -19.11 3.00 -10.02
N CYS A 200 -19.81 2.01 -9.48
CA CYS A 200 -19.87 0.66 -10.04
C CYS A 200 -21.23 0.47 -10.71
N GLU A 201 -21.23 0.03 -11.96
CA GLU A 201 -22.45 -0.13 -12.73
C GLU A 201 -22.58 -1.57 -13.22
N ALA A 202 -23.73 -2.18 -12.95
CA ALA A 202 -24.06 -3.51 -13.47
C ALA A 202 -24.97 -3.33 -14.68
N THR A 203 -24.48 -3.72 -15.85
CA THR A 203 -25.24 -3.64 -17.09
C THR A 203 -25.32 -5.03 -17.72
N HIS A 204 -26.32 -5.20 -18.57
CA HIS A 204 -26.42 -6.40 -19.39
C HIS A 204 -26.84 -5.97 -20.80
N LYS A 205 -26.47 -6.79 -21.77
CA LYS A 205 -26.60 -6.39 -23.18
C LYS A 205 -28.06 -6.16 -23.57
N THR A 206 -29.00 -6.83 -22.92
CA THR A 206 -30.40 -6.77 -23.35
C THR A 206 -31.12 -5.51 -22.91
N SER A 207 -30.54 -4.74 -21.98
CA SER A 207 -31.20 -3.54 -21.47
C SER A 207 -30.22 -2.37 -21.46
N THR A 208 -30.79 -1.17 -21.49
CA THR A 208 -30.03 0.06 -21.34
C THR A 208 -30.07 0.62 -19.92
N SER A 209 -30.83 -0.02 -19.03
CA SER A 209 -30.98 0.46 -17.66
C SER A 209 -30.00 -0.28 -16.77
N PRO A 210 -28.95 0.37 -16.28
CA PRO A 210 -27.99 -0.29 -15.40
C PRO A 210 -28.48 -0.29 -13.96
N ILE A 211 -27.70 -0.94 -13.10
CA ILE A 211 -27.85 -0.85 -11.65
C ILE A 211 -26.58 -0.17 -11.13
N VAL A 212 -26.75 0.93 -10.41
CA VAL A 212 -25.67 1.84 -10.08
C VAL A 212 -25.49 1.89 -8.57
N LYS A 213 -24.24 1.82 -8.11
CA LYS A 213 -23.87 2.06 -6.73
C LYS A 213 -22.59 2.88 -6.71
N SER A 214 -22.62 4.00 -5.99
CA SER A 214 -21.49 4.91 -5.96
C SER A 214 -21.26 5.39 -4.54
N PHE A 215 -20.08 5.98 -4.33
CA PHE A 215 -19.77 6.67 -3.08
C PHE A 215 -18.88 7.86 -3.39
N ASN A 216 -18.83 8.79 -2.44
CA ASN A 216 -17.98 9.96 -2.52
C ASN A 216 -16.87 9.84 -1.49
N ARG A 217 -15.62 10.09 -1.91
CA ARG A 217 -14.49 9.99 -0.99
C ARG A 217 -14.67 10.94 0.20
N ASN A 218 -15.20 12.14 -0.04
CA ASN A 218 -15.31 13.13 1.03
C ASN A 218 -16.55 12.92 1.90
N GLU A 219 -17.68 12.56 1.31
CA GLU A 219 -18.90 12.33 2.08
C GLU A 219 -19.57 11.02 1.70
N GLU B 1 -16.14 -46.39 7.51
CA GLU B 1 -16.15 -45.72 6.21
C GLU B 1 -14.78 -45.76 5.56
N VAL B 2 -14.74 -45.61 4.25
CA VAL B 2 -13.49 -45.53 3.50
C VAL B 2 -13.06 -44.06 3.46
N GLN B 3 -11.83 -43.80 3.88
CA GLN B 3 -11.27 -42.46 3.86
C GLN B 3 -9.87 -42.50 3.28
N LEU B 4 -9.57 -41.55 2.39
CA LEU B 4 -8.25 -41.40 1.79
C LEU B 4 -7.76 -40.01 2.13
N VAL B 5 -6.90 -39.90 3.14
CA VAL B 5 -6.43 -38.62 3.66
C VAL B 5 -5.08 -38.31 3.03
N GLU B 6 -5.03 -37.27 2.20
CA GLU B 6 -3.80 -36.87 1.54
C GLU B 6 -3.09 -35.79 2.33
N SER B 7 -1.80 -35.63 2.05
CA SER B 7 -0.97 -34.61 2.66
C SER B 7 0.33 -34.52 1.87
N GLY B 8 1.02 -33.38 2.02
CA GLY B 8 2.34 -33.20 1.46
C GLY B 8 2.43 -32.21 0.32
N GLY B 9 1.31 -31.70 -0.19
CA GLY B 9 1.38 -30.73 -1.26
C GLY B 9 1.92 -29.39 -0.79
N GLY B 10 2.39 -28.60 -1.76
CA GLY B 10 2.94 -27.30 -1.44
C GLY B 10 3.65 -26.70 -2.64
N LEU B 11 4.34 -25.61 -2.37
CA LEU B 11 5.13 -24.90 -3.37
C LEU B 11 6.52 -25.51 -3.48
N VAL B 12 7.01 -25.62 -4.72
CA VAL B 12 8.33 -26.17 -4.99
C VAL B 12 8.87 -25.52 -6.26
N LYS B 13 10.18 -25.27 -6.26
CA LYS B 13 10.85 -24.68 -7.41
C LYS B 13 10.95 -25.69 -8.56
N PRO B 14 11.02 -25.20 -9.79
CA PRO B 14 11.32 -26.08 -10.92
C PRO B 14 12.61 -26.87 -10.68
N GLY B 15 12.56 -28.16 -10.99
CA GLY B 15 13.68 -29.04 -10.74
C GLY B 15 13.72 -29.63 -9.36
N GLY B 16 12.86 -29.17 -8.44
CA GLY B 16 12.82 -29.69 -7.09
C GLY B 16 12.05 -30.99 -6.99
N SER B 17 11.88 -31.44 -5.75
CA SER B 17 11.20 -32.69 -5.48
C SER B 17 10.19 -32.50 -4.35
N LEU B 18 9.27 -33.45 -4.26
CA LEU B 18 8.20 -33.39 -3.28
C LEU B 18 7.55 -34.77 -3.18
N LYS B 19 7.17 -35.17 -1.97
CA LYS B 19 6.61 -36.48 -1.72
C LYS B 19 5.20 -36.33 -1.16
N LEU B 20 4.22 -36.82 -1.89
CA LEU B 20 2.83 -36.81 -1.45
C LEU B 20 2.49 -38.12 -0.74
N SER B 21 1.57 -38.02 0.22
CA SER B 21 1.15 -39.17 1.02
C SER B 21 -0.37 -39.30 0.98
N CYS B 22 -0.83 -40.55 1.04
CA CYS B 22 -2.26 -40.87 1.00
C CYS B 22 -2.51 -41.98 2.01
N ALA B 23 -3.13 -41.65 3.14
CA ALA B 23 -3.43 -42.61 4.18
C ALA B 23 -4.83 -43.17 3.99
N ALA B 24 -4.93 -44.50 3.93
CA ALA B 24 -6.19 -45.17 3.66
C ALA B 24 -6.70 -45.90 4.90
N SER B 25 -8.02 -46.01 5.01
CA SER B 25 -8.66 -46.70 6.11
C SER B 25 -10.08 -47.07 5.68
N GLY B 26 -10.62 -48.13 6.28
CA GLY B 26 -11.95 -48.58 6.00
C GLY B 26 -12.09 -49.66 4.95
N PHE B 27 -10.97 -50.14 4.39
CA PHE B 27 -11.01 -51.24 3.44
C PHE B 27 -9.71 -52.02 3.55
N THR B 28 -9.72 -53.24 3.01
CA THR B 28 -8.53 -54.10 3.03
C THR B 28 -7.53 -53.56 2.01
N PHE B 29 -6.56 -52.78 2.49
CA PHE B 29 -5.66 -52.03 1.61
C PHE B 29 -4.90 -52.95 0.66
N THR B 30 -4.40 -54.08 1.17
CA THR B 30 -3.57 -54.97 0.36
C THR B 30 -4.34 -55.65 -0.77
N ARG B 31 -5.67 -55.57 -0.78
CA ARG B 31 -6.48 -56.22 -1.80
C ARG B 31 -6.87 -55.27 -2.92
N TYR B 32 -6.26 -54.09 -3.01
CA TYR B 32 -6.63 -53.11 -4.01
C TYR B 32 -5.39 -52.44 -4.59
N ALA B 33 -5.43 -52.19 -5.89
CA ALA B 33 -4.45 -51.33 -6.53
C ALA B 33 -4.80 -49.87 -6.26
N MET B 34 -3.78 -49.02 -6.23
CA MET B 34 -3.97 -47.61 -5.93
C MET B 34 -3.40 -46.75 -7.06
N SER B 35 -3.94 -45.54 -7.20
CA SER B 35 -3.60 -44.69 -8.33
C SER B 35 -3.49 -43.23 -7.89
N TRP B 36 -2.78 -42.44 -8.70
CA TRP B 36 -2.72 -40.99 -8.57
C TRP B 36 -3.30 -40.37 -9.83
N VAL B 37 -4.16 -39.38 -9.65
CA VAL B 37 -4.79 -38.65 -10.74
C VAL B 37 -4.69 -37.17 -10.39
N ARG B 38 -4.21 -36.37 -11.35
CA ARG B 38 -4.07 -34.94 -11.13
C ARG B 38 -5.05 -34.17 -12.02
N GLN B 39 -5.35 -32.93 -11.61
CA GLN B 39 -6.29 -32.05 -12.30
C GLN B 39 -5.64 -30.69 -12.47
N THR B 40 -5.58 -30.24 -13.72
CA THR B 40 -4.88 -29.03 -14.12
C THR B 40 -5.68 -27.80 -13.76
N PRO B 41 -5.08 -26.60 -13.85
CA PRO B 41 -5.83 -25.37 -13.53
C PRO B 41 -7.08 -25.15 -14.36
N GLU B 42 -7.19 -25.79 -15.53
CA GLU B 42 -8.41 -25.73 -16.34
C GLU B 42 -9.34 -26.91 -16.08
N LYS B 43 -9.17 -27.59 -14.93
CA LYS B 43 -10.07 -28.65 -14.50
C LYS B 43 -10.05 -29.84 -15.46
N ARG B 44 -8.84 -30.28 -15.82
N ARG B 44 -8.84 -30.26 -15.83
CA ARG B 44 -8.64 -31.39 -16.74
CA ARG B 44 -8.66 -31.39 -16.74
C ARG B 44 -8.05 -32.57 -15.96
C ARG B 44 -8.05 -32.55 -15.96
N LEU B 45 -8.80 -33.66 -15.86
CA LEU B 45 -8.34 -34.84 -15.13
C LEU B 45 -7.32 -35.61 -15.96
N GLU B 46 -6.32 -36.18 -15.27
CA GLU B 46 -5.19 -36.79 -15.95
C GLU B 46 -4.61 -37.87 -15.04
N TRP B 47 -4.72 -39.13 -15.46
CA TRP B 47 -4.14 -40.22 -14.70
C TRP B 47 -2.62 -40.11 -14.71
N VAL B 48 -2.00 -40.37 -13.56
CA VAL B 48 -0.56 -40.20 -13.39
C VAL B 48 0.14 -41.54 -13.22
N ALA B 49 -0.36 -42.39 -12.31
CA ALA B 49 0.34 -43.62 -11.99
C ALA B 49 -0.60 -44.56 -11.25
N THR B 50 -0.27 -45.86 -11.33
CA THR B 50 -1.00 -46.92 -10.64
C THR B 50 -0.01 -47.95 -10.13
N ILE B 51 -0.22 -48.45 -8.92
CA ILE B 51 0.64 -49.46 -8.32
C ILE B 51 -0.20 -50.66 -7.92
N SER B 52 0.33 -51.85 -8.17
CA SER B 52 -0.42 -53.08 -7.90
C SER B 52 -0.58 -53.31 -6.40
N ASN B 53 -1.37 -54.34 -6.08
CA ASN B 53 -1.72 -54.65 -4.70
C ASN B 53 -0.49 -54.79 -3.80
N GLY B 54 0.56 -55.44 -4.32
CA GLY B 54 1.77 -55.63 -3.53
C GLY B 54 2.92 -54.77 -3.99
N GLY B 55 2.69 -53.91 -4.98
CA GLY B 55 3.72 -53.01 -5.44
C GLY B 55 4.67 -53.56 -6.48
N SER B 56 4.52 -54.84 -6.87
CA SER B 56 5.45 -55.43 -7.83
C SER B 56 5.34 -54.76 -9.20
N TYR B 57 4.16 -54.29 -9.57
CA TYR B 57 3.94 -53.65 -10.86
C TYR B 57 3.50 -52.21 -10.64
N THR B 58 4.20 -51.29 -11.28
CA THR B 58 3.80 -49.90 -11.33
C THR B 58 3.60 -49.50 -12.79
N TYR B 59 2.75 -48.52 -13.01
CA TYR B 59 2.48 -48.00 -14.35
C TYR B 59 2.43 -46.48 -14.26
N TYR B 60 3.00 -45.82 -15.26
CA TYR B 60 3.15 -44.37 -15.24
C TYR B 60 2.68 -43.74 -16.54
N LEU B 61 2.08 -42.56 -16.42
CA LEU B 61 1.90 -41.69 -17.57
C LEU B 61 3.26 -41.35 -18.17
N ASP B 62 3.32 -41.30 -19.51
CA ASP B 62 4.60 -41.07 -20.17
C ASP B 62 5.22 -39.73 -19.77
N SER B 63 4.38 -38.73 -19.47
CA SER B 63 4.88 -37.41 -19.12
C SER B 63 5.67 -37.40 -17.81
N VAL B 64 5.46 -38.40 -16.96
CA VAL B 64 6.10 -38.45 -15.65
C VAL B 64 7.07 -39.61 -15.53
N LYS B 65 7.19 -40.45 -16.55
CA LYS B 65 8.05 -41.61 -16.47
C LYS B 65 9.51 -41.20 -16.30
N GLY B 66 10.15 -41.74 -15.28
CA GLY B 66 11.50 -41.38 -14.94
C GLY B 66 11.64 -40.17 -14.03
N ARG B 67 10.53 -39.50 -13.70
CA ARG B 67 10.54 -38.36 -12.79
C ARG B 67 9.74 -38.61 -11.53
N PHE B 68 8.62 -39.31 -11.64
CA PHE B 68 7.78 -39.65 -10.49
C PHE B 68 7.96 -41.12 -10.15
N THR B 69 7.82 -41.45 -8.86
CA THR B 69 7.93 -42.83 -8.39
C THR B 69 6.76 -43.13 -7.46
N LEU B 70 5.97 -44.13 -7.84
CA LEU B 70 4.89 -44.63 -7.00
C LEU B 70 5.41 -45.67 -6.03
N SER B 71 4.87 -45.65 -4.81
CA SER B 71 5.21 -46.66 -3.81
C SER B 71 4.09 -46.73 -2.78
N ARG B 72 3.98 -47.87 -2.13
CA ARG B 72 2.96 -48.08 -1.10
C ARG B 72 3.55 -48.85 0.06
N ASP B 73 3.17 -48.44 1.27
CA ASP B 73 3.52 -49.16 2.50
C ASP B 73 2.26 -49.91 2.92
N ASN B 74 2.13 -51.15 2.46
CA ASN B 74 0.94 -51.93 2.74
C ASN B 74 0.75 -52.19 4.24
N ALA B 75 1.83 -52.16 5.01
CA ALA B 75 1.71 -52.32 6.45
C ALA B 75 1.07 -51.09 7.11
N LYS B 76 1.33 -49.90 6.56
CA LYS B 76 0.81 -48.66 7.10
C LYS B 76 -0.37 -48.12 6.30
N ASN B 77 -0.86 -48.87 5.30
CA ASN B 77 -2.02 -48.49 4.49
C ASN B 77 -1.82 -47.11 3.87
N THR B 78 -0.59 -46.82 3.45
CA THR B 78 -0.21 -45.50 2.97
C THR B 78 0.31 -45.60 1.54
N LEU B 79 -0.14 -44.68 0.69
CA LEU B 79 0.32 -44.55 -0.68
C LEU B 79 1.21 -43.31 -0.79
N TYR B 80 2.29 -43.41 -1.56
CA TYR B 80 3.25 -42.33 -1.70
C TYR B 80 3.45 -41.99 -3.17
N LEU B 81 3.63 -40.70 -3.46
CA LEU B 81 4.05 -40.25 -4.78
C LEU B 81 5.28 -39.38 -4.61
N GLN B 82 6.44 -39.90 -5.00
CA GLN B 82 7.70 -39.16 -4.95
C GLN B 82 7.91 -38.50 -6.31
N MET B 83 7.88 -37.18 -6.34
CA MET B 83 8.01 -36.41 -7.57
C MET B 83 9.38 -35.75 -7.57
N SER B 84 10.11 -35.87 -8.68
CA SER B 84 11.43 -35.28 -8.80
C SER B 84 11.54 -34.60 -10.15
N SER B 85 12.53 -33.71 -10.26
CA SER B 85 12.73 -32.85 -11.42
C SER B 85 11.38 -32.28 -11.91
N LEU B 86 10.72 -31.57 -10.99
CA LEU B 86 9.40 -31.04 -11.27
C LEU B 86 9.48 -29.89 -12.27
N ARG B 87 8.50 -29.86 -13.17
CA ARG B 87 8.33 -28.81 -14.16
C ARG B 87 7.06 -28.03 -13.85
N SER B 88 6.93 -26.85 -14.47
CA SER B 88 5.72 -26.05 -14.28
C SER B 88 4.47 -26.80 -14.73
N GLU B 89 4.59 -27.65 -15.75
CA GLU B 89 3.44 -28.40 -16.25
C GLU B 89 2.91 -29.42 -15.25
N ASP B 90 3.66 -29.70 -14.18
CA ASP B 90 3.18 -30.59 -13.13
C ASP B 90 2.28 -29.88 -12.12
N THR B 91 2.20 -28.55 -12.17
CA THR B 91 1.32 -27.82 -11.26
C THR B 91 -0.12 -28.28 -11.43
N ALA B 92 -0.71 -28.78 -10.36
CA ALA B 92 -2.04 -29.38 -10.44
C ALA B 92 -2.49 -29.79 -9.04
N MET B 93 -3.78 -30.05 -8.91
N MET B 93 -3.78 -30.04 -8.91
CA MET B 93 -4.33 -30.69 -7.73
CA MET B 93 -4.32 -30.69 -7.72
C MET B 93 -4.16 -32.19 -7.89
C MET B 93 -4.16 -32.19 -7.89
N TYR B 94 -3.52 -32.84 -6.92
CA TYR B 94 -3.23 -34.26 -7.00
C TYR B 94 -4.15 -35.05 -6.10
N TYR B 95 -4.82 -36.04 -6.67
CA TYR B 95 -5.71 -36.96 -5.96
C TYR B 95 -5.11 -38.35 -5.91
N CYS B 96 -5.23 -39.02 -4.78
CA CYS B 96 -5.08 -40.47 -4.77
C CYS B 96 -6.45 -41.12 -4.93
N ALA B 97 -6.45 -42.33 -5.50
CA ALA B 97 -7.71 -43.03 -5.75
C ALA B 97 -7.47 -44.53 -5.74
N ARG B 98 -8.51 -45.26 -5.35
CA ARG B 98 -8.44 -46.72 -5.29
C ARG B 98 -8.88 -47.31 -6.62
N ARG B 99 -7.97 -47.97 -7.33
CA ARG B 99 -8.33 -48.69 -8.53
C ARG B 99 -9.32 -49.78 -8.16
N GLU B 100 -10.53 -49.71 -8.71
CA GLU B 100 -11.60 -50.60 -8.32
C GLU B 100 -11.49 -51.93 -9.06
N GLY B 101 -11.99 -53.00 -8.43
CA GLY B 101 -12.06 -54.32 -9.02
C GLY B 101 -10.95 -55.26 -8.59
N GLY B 102 -9.76 -54.73 -8.30
CA GLY B 102 -8.64 -55.56 -7.91
C GLY B 102 -8.22 -56.53 -8.99
N GLN B 103 -7.89 -56.01 -10.18
CA GLN B 103 -7.59 -56.83 -11.33
C GLN B 103 -6.51 -56.16 -12.17
N ALA B 104 -5.98 -56.93 -13.12
CA ALA B 104 -4.94 -56.42 -14.00
C ALA B 104 -5.54 -55.48 -15.04
N GLY B 105 -4.81 -54.40 -15.33
CA GLY B 105 -5.28 -53.40 -16.27
C GLY B 105 -6.06 -52.30 -15.58
N PRO B 106 -6.31 -51.20 -16.28
CA PRO B 106 -6.96 -50.05 -15.66
C PRO B 106 -8.40 -50.35 -15.28
N ALA B 107 -8.97 -49.47 -14.47
CA ALA B 107 -10.35 -49.59 -14.02
C ALA B 107 -10.83 -48.23 -13.53
N TRP B 108 -12.06 -48.20 -13.02
CA TRP B 108 -12.66 -46.97 -12.52
C TRP B 108 -12.28 -46.74 -11.05
N PHE B 109 -12.55 -45.52 -10.58
CA PHE B 109 -12.15 -45.11 -9.24
C PHE B 109 -13.40 -44.73 -8.45
N VAL B 110 -13.63 -45.43 -7.35
CA VAL B 110 -14.79 -45.17 -6.50
C VAL B 110 -14.45 -44.18 -5.40
N TYR B 111 -13.34 -44.39 -4.70
CA TYR B 111 -12.95 -43.58 -3.56
C TYR B 111 -11.78 -42.69 -3.93
N TRP B 112 -11.94 -41.39 -3.70
CA TRP B 112 -10.94 -40.37 -3.99
C TRP B 112 -10.53 -39.67 -2.70
N GLY B 113 -9.24 -39.35 -2.59
CA GLY B 113 -8.80 -38.47 -1.53
C GLY B 113 -9.28 -37.05 -1.75
N GLN B 114 -9.12 -36.22 -0.71
CA GLN B 114 -9.60 -34.85 -0.77
C GLN B 114 -8.76 -33.97 -1.68
N GLY B 115 -7.60 -34.44 -2.12
CA GLY B 115 -6.78 -33.68 -3.04
C GLY B 115 -5.80 -32.75 -2.34
N THR B 116 -4.57 -32.69 -2.86
CA THR B 116 -3.56 -31.77 -2.37
C THR B 116 -2.96 -31.04 -3.57
N LEU B 117 -2.70 -29.75 -3.39
CA LEU B 117 -2.28 -28.88 -4.48
C LEU B 117 -0.75 -28.83 -4.53
N VAL B 118 -0.21 -28.93 -5.74
CA VAL B 118 1.23 -28.84 -5.98
C VAL B 118 1.45 -27.68 -6.93
N THR B 119 2.24 -26.70 -6.49
CA THR B 119 2.57 -25.53 -7.31
C THR B 119 4.05 -25.55 -7.61
N VAL B 120 4.40 -25.63 -8.89
CA VAL B 120 5.79 -25.62 -9.33
C VAL B 120 6.07 -24.22 -9.89
N SER B 121 6.77 -23.41 -9.11
CA SER B 121 7.04 -22.03 -9.49
C SER B 121 8.28 -21.55 -8.76
N ALA B 122 9.01 -20.65 -9.40
CA ALA B 122 10.14 -19.99 -8.77
C ALA B 122 9.72 -18.77 -7.94
N ALA B 123 8.43 -18.43 -7.93
CA ALA B 123 7.98 -17.31 -7.13
C ALA B 123 8.01 -17.66 -5.64
N LYS B 124 8.22 -16.64 -4.81
CA LYS B 124 8.37 -16.82 -3.38
C LYS B 124 7.03 -16.79 -2.69
N THR B 125 6.95 -17.46 -1.54
CA THR B 125 5.74 -17.46 -0.73
C THR B 125 5.51 -16.05 -0.18
N THR B 126 4.29 -15.53 -0.38
CA THR B 126 3.95 -14.18 0.05
C THR B 126 2.66 -14.21 0.84
N PRO B 127 2.64 -13.70 2.07
CA PRO B 127 1.40 -13.70 2.86
C PRO B 127 0.41 -12.70 2.28
N PRO B 128 -0.87 -12.89 2.53
CA PRO B 128 -1.86 -11.94 2.02
C PRO B 128 -1.99 -10.71 2.92
N SER B 129 -2.42 -9.61 2.32
CA SER B 129 -2.92 -8.47 3.05
C SER B 129 -4.45 -8.58 3.10
N VAL B 130 -5.01 -8.58 4.30
CA VAL B 130 -6.45 -8.74 4.49
C VAL B 130 -7.01 -7.38 4.90
N TYR B 131 -7.96 -6.86 4.11
CA TYR B 131 -8.57 -5.57 4.37
C TYR B 131 -10.07 -5.73 4.57
N PRO B 132 -10.65 -5.05 5.56
CA PRO B 132 -12.10 -5.11 5.74
C PRO B 132 -12.82 -4.28 4.69
N LEU B 133 -13.98 -4.77 4.25
CA LEU B 133 -14.85 -4.04 3.33
C LEU B 133 -16.13 -3.72 4.09
N ALA B 134 -16.33 -2.45 4.43
CA ALA B 134 -17.50 -1.99 5.15
C ALA B 134 -18.25 -0.96 4.33
N PRO B 135 -19.58 -0.91 4.45
CA PRO B 135 -20.34 0.13 3.75
C PRO B 135 -19.98 1.51 4.29
N GLY B 136 -19.72 2.45 3.37
CA GLY B 136 -19.31 3.79 3.73
C GLY B 136 -20.30 4.55 4.61
N SER B 143 -32.91 -3.59 5.21
CA SER B 143 -33.21 -5.01 5.05
C SER B 143 -31.99 -5.86 5.38
N MET B 144 -31.15 -6.12 4.39
CA MET B 144 -29.92 -6.87 4.57
C MET B 144 -28.72 -6.02 4.14
N VAL B 145 -27.59 -6.27 4.80
CA VAL B 145 -26.36 -5.51 4.57
C VAL B 145 -25.29 -6.50 4.13
N THR B 146 -24.54 -6.13 3.08
CA THR B 146 -23.46 -6.95 2.58
C THR B 146 -22.13 -6.37 3.06
N LEU B 147 -21.34 -7.19 3.74
CA LEU B 147 -19.99 -6.88 4.16
C LEU B 147 -19.00 -7.71 3.36
N GLY B 148 -17.72 -7.41 3.51
CA GLY B 148 -16.73 -8.20 2.81
C GLY B 148 -15.35 -8.03 3.42
N CYS B 149 -14.40 -8.80 2.88
CA CYS B 149 -13.00 -8.52 3.11
C CYS B 149 -12.22 -8.91 1.87
N LEU B 150 -11.13 -8.18 1.64
CA LEU B 150 -10.28 -8.33 0.46
C LEU B 150 -8.99 -9.01 0.86
N VAL B 151 -8.64 -10.10 0.18
CA VAL B 151 -7.45 -10.89 0.45
C VAL B 151 -6.51 -10.71 -0.74
N LYS B 152 -5.51 -9.83 -0.59
CA LYS B 152 -4.74 -9.32 -1.71
C LYS B 152 -3.26 -9.69 -1.62
N GLY B 153 -2.70 -10.10 -2.75
CA GLY B 153 -1.26 -10.23 -2.93
C GLY B 153 -0.60 -11.40 -2.24
N TYR B 154 -1.20 -12.59 -2.31
CA TYR B 154 -0.61 -13.77 -1.68
C TYR B 154 -0.12 -14.74 -2.74
N PHE B 155 0.73 -15.69 -2.31
CA PHE B 155 1.26 -16.74 -3.17
C PHE B 155 1.91 -17.79 -2.28
N PRO B 156 1.67 -19.09 -2.53
CA PRO B 156 0.76 -19.60 -3.55
C PRO B 156 -0.66 -19.76 -3.06
N GLU B 157 -1.49 -20.42 -3.87
CA GLU B 157 -2.78 -20.91 -3.41
C GLU B 157 -2.56 -22.06 -2.44
N PRO B 158 -3.54 -22.35 -1.57
CA PRO B 158 -4.82 -21.64 -1.42
C PRO B 158 -4.90 -20.80 -0.15
N VAL B 159 -5.97 -20.03 -0.03
CA VAL B 159 -6.38 -19.42 1.22
C VAL B 159 -7.78 -19.91 1.54
N THR B 160 -8.11 -19.95 2.83
CA THR B 160 -9.44 -20.31 3.29
C THR B 160 -10.02 -19.12 4.05
N VAL B 161 -11.22 -18.70 3.66
CA VAL B 161 -11.90 -17.56 4.27
C VAL B 161 -13.19 -18.08 4.90
N THR B 162 -13.38 -17.78 6.17
CA THR B 162 -14.62 -18.06 6.88
C THR B 162 -15.12 -16.77 7.53
N TRP B 163 -16.34 -16.81 8.04
CA TRP B 163 -16.96 -15.65 8.69
C TRP B 163 -17.45 -16.07 10.06
N ASN B 164 -17.01 -15.36 11.10
CA ASN B 164 -17.33 -15.69 12.49
C ASN B 164 -16.95 -17.14 12.80
N SER B 165 -15.83 -17.58 12.24
CA SER B 165 -15.29 -18.92 12.48
C SER B 165 -16.26 -20.00 11.99
N GLY B 166 -16.90 -19.75 10.85
CA GLY B 166 -17.83 -20.70 10.29
C GLY B 166 -19.24 -20.61 10.82
N SER B 167 -19.51 -19.69 11.76
CA SER B 167 -20.87 -19.50 12.24
C SER B 167 -21.77 -18.89 11.18
N LEU B 168 -21.20 -18.08 10.29
CA LEU B 168 -21.94 -17.51 9.16
C LEU B 168 -21.57 -18.30 7.91
N SER B 169 -22.44 -19.23 7.54
CA SER B 169 -22.27 -20.03 6.33
C SER B 169 -23.19 -19.58 5.20
N SER B 170 -24.44 -19.25 5.52
CA SER B 170 -25.39 -18.77 4.52
C SER B 170 -25.09 -17.34 4.13
N GLY B 171 -25.37 -17.01 2.87
CA GLY B 171 -25.16 -15.66 2.39
C GLY B 171 -23.72 -15.27 2.19
N VAL B 172 -22.83 -16.25 2.02
CA VAL B 172 -21.41 -16.02 1.82
C VAL B 172 -21.08 -16.28 0.36
N HIS B 173 -20.29 -15.38 -0.24
CA HIS B 173 -19.76 -15.56 -1.59
C HIS B 173 -18.25 -15.36 -1.52
N THR B 174 -17.49 -16.44 -1.61
CA THR B 174 -16.03 -16.37 -1.69
C THR B 174 -15.64 -16.60 -3.14
N PHE B 175 -15.07 -15.60 -3.75
CA PHE B 175 -14.82 -15.60 -5.18
C PHE B 175 -13.48 -16.23 -5.52
N PRO B 176 -13.39 -16.89 -6.67
CA PRO B 176 -12.10 -17.45 -7.09
C PRO B 176 -11.04 -16.38 -7.20
N ALA B 177 -9.80 -16.77 -6.91
CA ALA B 177 -8.66 -15.86 -6.96
C ALA B 177 -8.28 -15.53 -8.40
N VAL B 178 -7.77 -14.33 -8.60
CA VAL B 178 -7.25 -13.89 -9.89
C VAL B 178 -5.78 -13.53 -9.72
N LEU B 179 -5.02 -13.63 -10.81
CA LEU B 179 -3.60 -13.31 -10.80
C LEU B 179 -3.39 -11.83 -11.13
N GLN B 180 -2.66 -11.13 -10.28
CA GLN B 180 -2.31 -9.73 -10.49
C GLN B 180 -0.89 -9.51 -9.99
N SER B 181 0.02 -9.18 -10.92
CA SER B 181 1.43 -8.97 -10.61
C SER B 181 2.04 -10.21 -9.94
N ASP B 182 1.79 -11.36 -10.56
CA ASP B 182 2.32 -12.65 -10.13
C ASP B 182 1.88 -13.03 -8.72
N LEU B 183 0.83 -12.39 -8.21
CA LEU B 183 0.25 -12.72 -6.93
C LEU B 183 -1.23 -12.97 -7.10
N TYR B 184 -1.82 -13.66 -6.14
CA TYR B 184 -3.26 -13.92 -6.15
C TYR B 184 -3.99 -12.92 -5.26
N THR B 185 -5.21 -12.58 -5.68
CA THR B 185 -6.11 -11.74 -4.91
C THR B 185 -7.51 -12.30 -5.03
N LEU B 186 -8.20 -12.46 -3.90
CA LEU B 186 -9.62 -12.80 -3.91
C LEU B 186 -10.37 -11.94 -2.92
N SER B 187 -11.69 -12.02 -2.99
CA SER B 187 -12.58 -11.32 -2.08
C SER B 187 -13.67 -12.28 -1.62
N SER B 188 -14.31 -11.92 -0.51
CA SER B 188 -15.40 -12.71 0.04
C SER B 188 -16.45 -11.74 0.59
N SER B 189 -17.70 -11.96 0.23
CA SER B 189 -18.79 -11.16 0.78
C SER B 189 -19.68 -12.03 1.67
N VAL B 190 -20.27 -11.39 2.67
CA VAL B 190 -21.29 -12.00 3.52
C VAL B 190 -22.45 -11.03 3.63
N THR B 191 -23.67 -11.56 3.55
CA THR B 191 -24.89 -10.77 3.63
C THR B 191 -25.66 -11.18 4.88
N VAL B 192 -25.88 -10.23 5.78
CA VAL B 192 -26.56 -10.50 7.04
C VAL B 192 -27.72 -9.54 7.17
N PRO B 193 -28.68 -9.83 8.06
CA PRO B 193 -29.76 -8.87 8.31
C PRO B 193 -29.26 -7.59 8.94
N SER B 194 -30.06 -6.53 8.79
CA SER B 194 -29.72 -5.23 9.36
C SER B 194 -29.56 -5.30 10.86
N SER B 195 -30.41 -6.10 11.52
CA SER B 195 -30.34 -6.23 12.97
C SER B 195 -29.06 -6.92 13.44
N THR B 196 -28.38 -7.66 12.56
CA THR B 196 -27.13 -8.31 12.95
C THR B 196 -25.98 -7.31 13.00
N TRP B 197 -25.78 -6.55 11.93
CA TRP B 197 -24.65 -5.65 11.82
C TRP B 197 -25.13 -4.21 11.70
N PRO B 198 -24.50 -3.24 12.39
CA PRO B 198 -23.27 -3.37 13.17
C PRO B 198 -23.47 -3.68 14.65
N SER B 199 -24.70 -3.96 15.09
CA SER B 199 -24.93 -4.19 16.50
C SER B 199 -24.14 -5.40 17.00
N GLU B 200 -24.00 -6.42 16.17
CA GLU B 200 -23.17 -7.57 16.50
C GLU B 200 -21.82 -7.44 15.80
N THR B 201 -20.99 -8.46 15.97
CA THR B 201 -19.62 -8.46 15.48
C THR B 201 -19.49 -9.43 14.32
N VAL B 202 -18.96 -8.94 13.19
CA VAL B 202 -18.76 -9.74 11.99
C VAL B 202 -17.28 -9.73 11.67
N THR B 203 -16.65 -10.90 11.75
CA THR B 203 -15.21 -11.05 11.53
C THR B 203 -14.98 -12.02 10.38
N CYS B 204 -14.05 -11.67 9.49
CA CYS B 204 -13.63 -12.55 8.41
C CYS B 204 -12.30 -13.18 8.80
N ASN B 205 -12.25 -14.51 8.80
CA ASN B 205 -11.09 -15.28 9.20
C ASN B 205 -10.38 -15.80 7.96
N VAL B 206 -9.12 -15.41 7.79
CA VAL B 206 -8.35 -15.74 6.60
C VAL B 206 -7.15 -16.57 7.02
N ALA B 207 -6.92 -17.69 6.33
CA ALA B 207 -5.79 -18.55 6.58
C ALA B 207 -5.01 -18.74 5.28
N HIS B 208 -3.69 -18.63 5.37
CA HIS B 208 -2.78 -18.89 4.25
C HIS B 208 -1.73 -19.86 4.77
N PRO B 209 -1.98 -21.17 4.67
CA PRO B 209 -1.08 -22.15 5.29
C PRO B 209 0.34 -22.10 4.74
N ALA B 210 0.52 -21.70 3.48
CA ALA B 210 1.84 -21.70 2.88
C ALA B 210 2.78 -20.72 3.58
N SER B 211 2.24 -19.63 4.12
CA SER B 211 3.02 -18.66 4.88
C SER B 211 2.75 -18.74 6.37
N SER B 212 1.98 -19.74 6.82
CA SER B 212 1.57 -19.87 8.23
C SER B 212 0.83 -18.62 8.70
N THR B 213 0.05 -18.01 7.81
CA THR B 213 -0.68 -16.79 8.11
C THR B 213 -2.08 -17.12 8.60
N LYS B 214 -2.47 -16.49 9.71
CA LYS B 214 -3.81 -16.65 10.29
C LYS B 214 -4.27 -15.27 10.76
N VAL B 215 -5.26 -14.69 10.07
CA VAL B 215 -5.65 -13.31 10.28
C VAL B 215 -7.16 -13.24 10.50
N ASP B 216 -7.58 -12.49 11.51
CA ASP B 216 -8.98 -12.16 11.73
C ASP B 216 -9.15 -10.65 11.58
N LYS B 217 -10.11 -10.24 10.74
CA LYS B 217 -10.40 -8.83 10.52
C LYS B 217 -11.85 -8.56 10.87
N LYS B 218 -12.06 -7.72 11.87
CA LYS B 218 -13.41 -7.33 12.28
C LYS B 218 -13.90 -6.20 11.40
N ILE B 219 -15.11 -6.34 10.87
CA ILE B 219 -15.70 -5.32 10.00
C ILE B 219 -16.33 -4.26 10.90
N VAL B 220 -15.71 -3.08 10.95
CA VAL B 220 -16.22 -1.99 11.76
C VAL B 220 -16.86 -0.95 10.84
N PRO B 221 -17.89 -0.24 11.29
CA PRO B 221 -18.53 0.76 10.44
C PRO B 221 -17.58 1.89 10.09
N ARG B 222 -17.95 2.62 9.03
CA ARG B 222 -17.15 3.73 8.54
C ARG B 222 -17.48 5.03 9.27
N ASP C 1 8.64 52.80 -1.03
CA ASP C 1 9.12 51.95 0.05
C ASP C 1 10.64 51.93 0.11
N ILE C 2 11.19 51.63 1.28
CA ILE C 2 12.64 51.54 1.47
C ILE C 2 13.07 50.11 1.18
N VAL C 3 14.07 49.95 0.32
CA VAL C 3 14.61 48.65 -0.05
C VAL C 3 15.84 48.37 0.79
N MET C 4 15.91 47.18 1.37
CA MET C 4 17.03 46.76 2.20
C MET C 4 17.88 45.77 1.43
N THR C 5 19.17 46.06 1.32
CA THR C 5 20.11 45.25 0.54
C THR C 5 21.14 44.65 1.48
N GLN C 6 21.19 43.32 1.54
CA GLN C 6 22.14 42.61 2.38
C GLN C 6 23.21 41.95 1.53
N SER C 7 24.46 41.99 2.03
CA SER C 7 25.58 41.37 1.36
C SER C 7 26.54 40.84 2.41
N PRO C 8 27.16 39.66 2.18
CA PRO C 8 26.87 38.81 1.02
C PRO C 8 25.58 38.03 1.22
N SER C 9 25.08 37.35 0.18
CA SER C 9 23.91 36.50 0.36
C SER C 9 24.23 35.32 1.27
N SER C 10 25.49 34.90 1.30
CA SER C 10 25.93 33.81 2.16
C SER C 10 27.43 33.96 2.40
N LEU C 11 27.88 33.41 3.53
CA LEU C 11 29.31 33.39 3.83
C LEU C 11 29.58 32.26 4.80
N ALA C 12 30.78 31.68 4.69
CA ALA C 12 31.21 30.56 5.51
C ALA C 12 32.50 30.92 6.22
N MET C 13 32.52 30.77 7.54
CA MET C 13 33.66 31.11 8.36
C MET C 13 33.93 29.98 9.35
N SER C 14 35.20 29.83 9.72
CA SER C 14 35.58 28.83 10.70
C SER C 14 35.13 29.26 12.09
N VAL C 15 35.04 28.27 12.99
CA VAL C 15 34.73 28.56 14.39
C VAL C 15 35.86 29.38 14.99
N GLY C 16 35.51 30.55 15.53
CA GLY C 16 36.48 31.44 16.11
C GLY C 16 36.87 32.61 15.23
N GLN C 17 36.44 32.63 13.97
CA GLN C 17 36.73 33.74 13.09
C GLN C 17 35.70 34.86 13.24
N LYS C 18 36.07 36.04 12.77
CA LYS C 18 35.20 37.20 12.80
C LYS C 18 34.31 37.21 11.57
N VAL C 19 33.02 37.46 11.77
CA VAL C 19 32.02 37.48 10.71
C VAL C 19 31.43 38.87 10.62
N THR C 20 31.31 39.40 9.40
CA THR C 20 30.72 40.70 9.17
C THR C 20 29.74 40.61 8.00
N MET C 21 28.50 41.06 8.24
CA MET C 21 27.48 41.15 7.21
C MET C 21 27.04 42.61 7.07
N ASN C 22 26.69 42.98 5.85
CA ASN C 22 26.37 44.36 5.51
C ASN C 22 24.89 44.49 5.19
N CYS C 23 24.32 45.64 5.56
CA CYS C 23 22.93 45.96 5.27
C CYS C 23 22.88 47.38 4.71
N LYS C 24 22.40 47.52 3.48
CA LYS C 24 22.29 48.81 2.80
C LYS C 24 20.82 49.23 2.76
N SER C 25 20.58 50.50 3.04
CA SER C 25 19.24 51.06 3.01
C SER C 25 19.12 51.99 1.81
N SER C 26 17.97 51.93 1.14
CA SER C 26 17.76 52.77 -0.04
C SER C 26 17.59 54.23 0.33
N GLN C 27 17.03 54.51 1.51
CA GLN C 27 16.92 55.85 2.06
C GLN C 27 17.53 55.86 3.45
N SER C 28 17.62 57.06 4.02
CA SER C 28 18.20 57.22 5.35
C SER C 28 17.26 56.69 6.42
N LEU C 29 17.83 55.97 7.39
CA LEU C 29 17.12 55.51 8.56
C LEU C 29 17.43 56.36 9.80
N LEU C 30 18.16 57.45 9.62
CA LEU C 30 18.56 58.32 10.73
C LEU C 30 17.45 59.34 11.00
N ASN C 31 16.95 59.36 12.24
CA ASN C 31 15.96 60.35 12.66
C ASN C 31 16.66 61.62 13.10
N SER C 32 16.20 62.77 12.58
CA SER C 32 16.86 64.04 12.85
C SER C 32 16.84 64.37 14.34
N SER C 33 15.70 64.17 15.00
CA SER C 33 15.52 64.66 16.37
C SER C 33 16.39 63.89 17.36
N ASN C 34 16.17 62.58 17.48
CA ASN C 34 16.87 61.78 18.49
C ASN C 34 18.17 61.17 17.99
N GLN C 35 18.51 61.37 16.72
CA GLN C 35 19.76 60.87 16.13
C GLN C 35 19.89 59.35 16.26
N LYS C 36 18.77 58.64 16.24
CA LYS C 36 18.76 57.18 16.28
C LYS C 36 18.49 56.62 14.90
N ASN C 37 19.11 55.48 14.61
CA ASN C 37 18.92 54.76 13.35
C ASN C 37 17.86 53.69 13.55
N TYR C 38 16.84 53.69 12.69
CA TYR C 38 15.66 52.85 12.87
C TYR C 38 15.87 51.52 12.15
N LEU C 39 16.85 50.77 12.65
CA LEU C 39 17.30 49.53 12.05
C LEU C 39 17.33 48.43 13.10
N ALA C 40 16.94 47.23 12.72
CA ALA C 40 16.97 46.08 13.62
C ALA C 40 17.55 44.88 12.88
N TRP C 41 18.21 44.00 13.62
CA TRP C 41 18.78 42.78 13.08
C TRP C 41 18.08 41.57 13.69
N TYR C 42 17.86 40.54 12.88
CA TYR C 42 17.21 39.32 13.31
C TYR C 42 18.09 38.11 12.99
N GLN C 43 17.97 37.07 13.80
CA GLN C 43 18.65 35.80 13.59
C GLN C 43 17.60 34.70 13.51
N GLN C 44 17.57 33.98 12.39
CA GLN C 44 16.62 32.87 12.19
C GLN C 44 17.40 31.58 12.00
N LYS C 45 17.44 30.74 13.03
CA LYS C 45 18.03 29.43 12.93
C LYS C 45 17.07 28.47 12.25
N PRO C 46 17.57 27.35 11.71
CA PRO C 46 16.69 26.41 11.01
C PRO C 46 15.51 25.96 11.85
N GLY C 47 14.35 25.88 11.22
CA GLY C 47 13.13 25.41 11.87
C GLY C 47 12.54 26.32 12.91
N GLN C 48 13.05 27.55 13.03
CA GLN C 48 12.62 28.48 14.07
C GLN C 48 12.17 29.80 13.46
N SER C 49 11.43 30.58 14.27
CA SER C 49 11.03 31.92 13.88
C SER C 49 12.19 32.88 14.07
N PRO C 50 12.16 34.04 13.39
CA PRO C 50 13.23 35.02 13.58
C PRO C 50 13.35 35.45 15.03
N LYS C 51 14.59 35.65 15.47
CA LYS C 51 14.91 36.08 16.82
C LYS C 51 15.56 37.45 16.74
N LEU C 52 15.03 38.40 17.51
CA LEU C 52 15.57 39.76 17.49
C LEU C 52 16.93 39.80 18.19
N LEU C 53 17.94 40.31 17.50
CA LEU C 53 19.29 40.46 18.04
C LEU C 53 19.55 41.87 18.56
N VAL C 54 19.46 42.87 17.68
CA VAL C 54 19.72 44.25 18.05
C VAL C 54 18.65 45.14 17.44
N TYR C 55 18.38 46.27 18.11
CA TYR C 55 17.44 47.27 17.62
C TYR C 55 18.09 48.64 17.75
N PHE C 56 17.56 49.61 16.99
CA PHE C 56 18.15 50.94 16.89
C PHE C 56 19.64 50.84 16.50
N ALA C 57 19.90 49.98 15.51
CA ALA C 57 21.21 49.81 14.87
C ALA C 57 22.23 49.10 15.74
N SER C 58 22.29 49.43 17.03
CA SER C 58 23.41 49.02 17.86
C SER C 58 23.03 48.59 19.28
N THR C 59 21.77 48.69 19.67
CA THR C 59 21.36 48.30 21.01
C THR C 59 21.08 46.80 21.02
N ARG C 60 21.90 46.05 21.76
CA ARG C 60 21.76 44.60 21.84
C ARG C 60 20.60 44.23 22.75
N GLU C 61 19.71 43.38 22.26
CA GLU C 61 18.61 42.88 23.09
C GLU C 61 19.15 42.11 24.29
N SER C 62 18.43 42.19 25.40
CA SER C 62 18.80 41.43 26.58
C SER C 62 18.66 39.93 26.30
N GLY C 63 19.72 39.18 26.61
CA GLY C 63 19.77 37.77 26.31
C GLY C 63 20.62 37.42 25.11
N VAL C 64 21.03 38.41 24.31
CA VAL C 64 21.88 38.19 23.15
C VAL C 64 23.33 38.20 23.61
N PRO C 65 24.16 37.24 23.19
CA PRO C 65 25.57 37.27 23.59
C PRO C 65 26.27 38.51 23.06
N ASP C 66 27.29 38.97 23.80
CA ASP C 66 28.00 40.19 23.45
C ASP C 66 28.83 40.07 22.18
N ARG C 67 28.91 38.90 21.56
CA ARG C 67 29.64 38.77 20.31
C ARG C 67 28.85 39.29 19.11
N PHE C 68 27.54 39.49 19.24
CA PHE C 68 26.73 40.07 18.18
C PHE C 68 26.71 41.59 18.39
N ILE C 69 27.46 42.32 17.57
CA ILE C 69 27.54 43.77 17.67
C ILE C 69 27.10 44.38 16.34
N GLY C 70 26.13 45.29 16.40
CA GLY C 70 25.65 45.99 15.23
C GLY C 70 26.14 47.44 15.26
N SER C 71 26.52 47.95 14.09
CA SER C 71 27.00 49.32 13.98
C SER C 71 26.54 49.89 12.65
N GLY C 72 26.96 51.11 12.38
CA GLY C 72 26.59 51.82 11.17
C GLY C 72 25.57 52.91 11.43
N SER C 73 25.38 53.76 10.41
CA SER C 73 24.48 54.90 10.50
C SER C 73 24.03 55.27 9.09
N GLY C 74 22.98 56.09 9.03
CA GLY C 74 22.44 56.55 7.76
C GLY C 74 21.83 55.45 6.91
N THR C 75 22.57 55.00 5.90
CA THR C 75 22.12 53.95 4.99
C THR C 75 22.98 52.70 5.03
N ASP C 76 24.09 52.73 5.78
CA ASP C 76 25.07 51.64 5.79
C ASP C 76 25.15 51.05 7.19
N PHE C 77 24.84 49.77 7.31
CA PHE C 77 24.83 49.09 8.60
C PHE C 77 25.53 47.74 8.46
N THR C 78 26.13 47.29 9.57
CA THR C 78 26.80 46.00 9.60
C THR C 78 26.46 45.28 10.89
N LEU C 79 26.29 43.97 10.80
CA LEU C 79 26.23 43.08 11.96
C LEU C 79 27.53 42.31 12.01
N THR C 80 28.21 42.37 13.15
CA THR C 80 29.48 41.69 13.33
C THR C 80 29.33 40.61 14.41
N ILE C 81 29.87 39.42 14.12
CA ILE C 81 30.05 38.37 15.11
C ILE C 81 31.54 38.28 15.39
N SER C 82 31.96 38.75 16.57
CA SER C 82 33.39 38.83 16.88
C SER C 82 34.05 37.46 16.81
N SER C 83 33.36 36.42 17.30
CA SER C 83 33.89 35.06 17.27
C SER C 83 32.71 34.13 16.98
N ALA C 84 32.61 33.71 15.72
CA ALA C 84 31.53 32.83 15.31
C ALA C 84 31.62 31.50 16.03
N GLN C 85 30.48 31.01 16.52
CA GLN C 85 30.38 29.71 17.15
C GLN C 85 29.55 28.77 16.30
N ALA C 86 29.64 27.48 16.62
CA ALA C 86 28.92 26.47 15.85
C ALA C 86 27.41 26.70 15.88
N GLU C 87 26.89 27.21 16.98
CA GLU C 87 25.46 27.45 17.10
C GLU C 87 24.99 28.71 16.37
N ASP C 88 25.90 29.53 15.87
CA ASP C 88 25.51 30.79 15.24
C ASP C 88 25.06 30.63 13.79
N LEU C 89 25.10 29.42 13.24
CA LEU C 89 24.59 29.21 11.89
C LEU C 89 23.12 29.55 11.84
N ALA C 90 22.74 30.42 10.90
CA ALA C 90 21.39 30.95 10.80
C ALA C 90 21.32 31.86 9.57
N ASP C 91 20.11 32.32 9.29
CA ASP C 91 19.86 33.36 8.28
C ASP C 91 19.64 34.68 9.01
N TYR C 92 20.50 35.67 8.74
CA TYR C 92 20.48 36.93 9.46
C TYR C 92 19.80 38.00 8.61
N PHE C 93 18.79 38.65 9.18
CA PHE C 93 18.00 39.65 8.47
C PHE C 93 18.13 41.00 9.14
N CYS C 94 18.16 42.06 8.33
CA CYS C 94 17.98 43.41 8.83
C CYS C 94 16.61 43.93 8.43
N GLN C 95 16.11 44.88 9.20
CA GLN C 95 14.77 45.42 8.97
C GLN C 95 14.75 46.89 9.37
N GLN C 96 14.23 47.72 8.48
CA GLN C 96 14.02 49.13 8.81
C GLN C 96 12.61 49.34 9.31
N TYR C 97 12.47 50.31 10.22
CA TYR C 97 11.15 50.78 10.67
C TYR C 97 11.10 52.30 10.70
N TYR C 98 11.93 52.97 9.90
CA TYR C 98 11.90 54.42 9.84
C TYR C 98 10.59 54.92 9.25
N SER C 99 10.06 54.21 8.25
CA SER C 99 8.80 54.60 7.63
C SER C 99 8.03 53.36 7.25
N THR C 100 6.71 53.48 7.25
CA THR C 100 5.86 52.36 6.86
C THR C 100 5.85 52.25 5.33
N PRO C 101 5.83 51.02 4.79
CA PRO C 101 5.83 49.76 5.54
C PRO C 101 7.22 49.29 5.95
N PRO C 102 7.32 48.65 7.12
CA PRO C 102 8.60 48.04 7.51
C PRO C 102 9.03 47.03 6.45
N THR C 103 10.31 47.05 6.11
CA THR C 103 10.86 46.18 5.09
C THR C 103 12.11 45.48 5.61
N PHE C 104 12.29 44.24 5.18
CA PHE C 104 13.40 43.39 5.58
C PHE C 104 14.37 43.20 4.41
N GLY C 105 15.64 43.01 4.75
CA GLY C 105 16.59 42.56 3.76
C GLY C 105 16.38 41.10 3.40
N ALA C 106 17.00 40.68 2.29
CA ALA C 106 16.86 39.31 1.82
C ALA C 106 17.52 38.30 2.75
N GLY C 107 18.43 38.74 3.60
CA GLY C 107 19.06 37.85 4.55
C GLY C 107 20.45 37.42 4.11
N THR C 108 21.30 37.16 5.10
CA THR C 108 22.65 36.63 4.88
C THR C 108 22.75 35.30 5.62
N LYS C 109 23.06 34.23 4.90
CA LYS C 109 23.15 32.91 5.49
C LYS C 109 24.58 32.67 5.97
N LEU C 110 24.72 32.33 7.24
CA LEU C 110 26.02 32.05 7.83
C LEU C 110 26.23 30.54 7.86
N GLU C 111 27.10 30.04 6.99
CA GLU C 111 27.59 28.67 7.06
C GLU C 111 28.78 28.61 8.01
N LEU C 112 29.23 27.40 8.30
CA LEU C 112 30.36 27.21 9.17
C LEU C 112 31.32 26.19 8.56
N LYS C 113 32.60 26.39 8.82
CA LYS C 113 33.66 25.52 8.34
C LYS C 113 34.16 24.61 9.45
N ARG C 114 34.51 23.39 9.09
CA ARG C 114 35.09 22.44 10.03
C ARG C 114 36.00 21.50 9.25
N ALA C 115 36.59 20.54 9.97
CA ALA C 115 37.40 19.53 9.30
C ALA C 115 36.51 18.62 8.45
N ASP C 116 37.12 18.06 7.40
CA ASP C 116 36.42 17.09 6.57
C ASP C 116 35.93 15.92 7.40
N ALA C 117 34.76 15.39 7.03
CA ALA C 117 34.20 14.23 7.71
C ALA C 117 33.45 13.38 6.70
N ALA C 118 33.76 12.08 6.67
CA ALA C 118 33.10 11.16 5.76
C ALA C 118 31.72 10.78 6.30
N PRO C 119 30.75 10.55 5.43
CA PRO C 119 29.39 10.24 5.89
C PRO C 119 29.28 8.83 6.44
N THR C 120 28.33 8.65 7.34
CA THR C 120 27.84 7.33 7.71
C THR C 120 26.73 6.97 6.74
N VAL C 121 26.94 5.92 5.95
CA VAL C 121 26.04 5.56 4.86
C VAL C 121 25.21 4.36 5.28
N SER C 122 23.90 4.43 5.01
CA SER C 122 22.96 3.35 5.29
C SER C 122 22.00 3.24 4.12
N ILE C 123 21.79 2.03 3.63
CA ILE C 123 20.86 1.77 2.53
C ILE C 123 19.71 0.92 3.06
N PHE C 124 18.51 1.16 2.52
CA PHE C 124 17.29 0.52 3.03
C PHE C 124 16.46 0.04 1.86
N PRO C 125 16.13 -1.25 1.80
CA PRO C 125 15.32 -1.78 0.70
C PRO C 125 13.87 -1.30 0.80
N PRO C 126 13.09 -1.46 -0.27
CA PRO C 126 11.66 -1.19 -0.17
C PRO C 126 11.03 -1.99 0.97
N SER C 127 10.21 -1.32 1.75
CA SER C 127 9.44 -2.02 2.77
C SER C 127 8.44 -2.96 2.10
N SER C 128 8.13 -4.05 2.79
CA SER C 128 7.13 -4.98 2.27
C SER C 128 5.77 -4.32 2.12
N GLU C 129 5.47 -3.34 2.98
CA GLU C 129 4.19 -2.64 2.89
C GLU C 129 4.09 -1.84 1.59
N GLN C 130 5.18 -1.19 1.19
CA GLN C 130 5.16 -0.41 -0.05
C GLN C 130 5.04 -1.32 -1.26
N LEU C 131 5.66 -2.50 -1.22
CA LEU C 131 5.60 -3.40 -2.36
C LEU C 131 4.19 -3.88 -2.62
N THR C 132 3.33 -3.94 -1.60
CA THR C 132 1.95 -4.37 -1.83
C THR C 132 1.20 -3.37 -2.71
N SER C 133 1.59 -2.10 -2.68
CA SER C 133 0.93 -1.07 -3.47
C SER C 133 1.54 -0.87 -4.85
N GLY C 134 2.54 -1.67 -5.22
CA GLY C 134 3.13 -1.60 -6.55
C GLY C 134 4.27 -0.62 -6.71
N GLY C 135 4.72 0.03 -5.64
CA GLY C 135 5.84 0.95 -5.68
C GLY C 135 7.06 0.35 -5.00
N ALA C 136 8.21 0.96 -5.25
CA ALA C 136 9.45 0.48 -4.66
C ALA C 136 10.42 1.64 -4.53
N SER C 137 10.64 2.08 -3.30
CA SER C 137 11.56 3.17 -3.00
C SER C 137 12.75 2.61 -2.24
N VAL C 138 13.94 2.80 -2.78
CA VAL C 138 15.18 2.45 -2.11
C VAL C 138 15.77 3.72 -1.54
N VAL C 139 16.07 3.73 -0.24
CA VAL C 139 16.49 4.92 0.47
C VAL C 139 17.92 4.75 0.95
N CYS C 140 18.73 5.79 0.77
CA CYS C 140 20.12 5.83 1.18
C CYS C 140 20.35 7.08 2.02
N PHE C 141 20.77 6.90 3.27
CA PHE C 141 21.11 8.01 4.14
C PHE C 141 22.63 8.21 4.16
N LEU C 142 23.04 9.47 4.11
CA LEU C 142 24.45 9.85 4.16
C LEU C 142 24.54 10.93 5.24
N ASN C 143 24.92 10.54 6.44
CA ASN C 143 24.71 11.37 7.63
C ASN C 143 26.04 11.90 8.18
N ASN C 144 26.01 13.16 8.62
CA ASN C 144 27.11 13.78 9.36
C ASN C 144 28.41 13.77 8.55
N PHE C 145 28.38 14.47 7.42
CA PHE C 145 29.55 14.62 6.58
C PHE C 145 29.88 16.10 6.39
N TYR C 146 31.11 16.35 5.91
CA TYR C 146 31.57 17.70 5.58
C TYR C 146 32.70 17.59 4.57
N PRO C 147 32.76 18.46 3.55
CA PRO C 147 31.82 19.54 3.24
C PRO C 147 30.52 19.08 2.55
N LYS C 148 29.70 20.05 2.15
CA LYS C 148 28.43 19.80 1.47
C LYS C 148 28.62 19.62 -0.02
N ASP C 149 29.55 18.73 -0.41
CA ASP C 149 29.81 18.48 -1.82
C ASP C 149 29.85 16.99 -2.11
N ILE C 150 29.03 16.20 -1.41
CA ILE C 150 28.98 14.76 -1.65
C ILE C 150 27.99 14.49 -2.76
N ASN C 151 28.38 13.58 -3.66
CA ASN C 151 27.51 13.14 -4.76
C ASN C 151 27.18 11.68 -4.55
N VAL C 152 25.90 11.37 -4.53
CA VAL C 152 25.43 10.00 -4.37
C VAL C 152 25.23 9.38 -5.74
N LYS C 153 25.73 8.15 -5.92
CA LYS C 153 25.56 7.39 -7.14
C LYS C 153 24.80 6.12 -6.83
N TRP C 154 23.75 5.85 -7.62
CA TRP C 154 22.96 4.64 -7.49
C TRP C 154 23.36 3.63 -8.55
N LYS C 155 23.48 2.37 -8.15
CA LYS C 155 23.78 1.27 -9.06
C LYS C 155 22.75 0.17 -8.88
N ILE C 156 22.20 -0.31 -9.99
CA ILE C 156 21.29 -1.44 -10.01
C ILE C 156 21.93 -2.52 -10.86
N ASP C 157 22.15 -3.69 -10.26
CA ASP C 157 22.86 -4.79 -10.92
C ASP C 157 24.22 -4.32 -11.46
N GLY C 158 24.86 -3.41 -10.73
CA GLY C 158 26.15 -2.90 -11.13
C GLY C 158 26.12 -1.88 -12.25
N SER C 159 24.97 -1.24 -12.48
CA SER C 159 24.82 -0.27 -13.57
C SER C 159 24.25 1.03 -13.01
N GLU C 160 24.83 2.14 -13.45
CA GLU C 160 24.44 3.45 -12.93
C GLU C 160 23.00 3.77 -13.26
N ARG C 161 22.29 4.38 -12.31
CA ARG C 161 20.88 4.71 -12.44
C ARG C 161 20.66 6.16 -12.02
N GLN C 162 19.91 6.91 -12.83
CA GLN C 162 19.65 8.31 -12.56
C GLN C 162 18.17 8.63 -12.35
N ASN C 163 17.28 8.04 -13.14
CA ASN C 163 15.86 8.37 -13.06
C ASN C 163 15.24 7.83 -11.78
N GLY C 164 14.27 8.57 -11.25
CA GLY C 164 13.60 8.20 -10.02
C GLY C 164 14.36 8.55 -8.76
N VAL C 165 15.39 9.38 -8.86
CA VAL C 165 16.23 9.74 -7.71
C VAL C 165 15.85 11.12 -7.21
N LEU C 166 15.53 11.22 -5.92
CA LEU C 166 15.24 12.48 -5.28
C LEU C 166 16.14 12.64 -4.06
N ASN C 167 16.80 13.79 -3.96
CA ASN C 167 17.80 14.06 -2.92
C ASN C 167 17.35 15.21 -2.04
N SER C 168 17.79 15.18 -0.78
CA SER C 168 17.41 16.22 0.18
C SER C 168 18.51 16.34 1.23
N TRP C 169 19.03 17.56 1.40
CA TRP C 169 20.02 17.86 2.43
C TRP C 169 19.35 18.52 3.62
N THR C 170 19.77 18.12 4.82
CA THR C 170 19.39 18.88 5.99
C THR C 170 20.14 20.21 6.00
N ASP C 171 19.67 21.14 6.83
CA ASP C 171 20.50 22.28 7.17
C ASP C 171 21.69 21.82 7.99
N GLN C 172 22.73 22.66 8.02
CA GLN C 172 23.93 22.32 8.78
C GLN C 172 23.59 22.09 10.25
N ASP C 173 24.19 21.05 10.82
CA ASP C 173 23.95 20.73 12.22
C ASP C 173 24.51 21.81 13.13
N SER C 174 23.80 22.08 14.23
CA SER C 174 24.22 23.15 15.14
C SER C 174 25.40 22.73 15.99
N LYS C 175 25.40 21.50 16.47
CA LYS C 175 26.45 21.05 17.40
C LYS C 175 27.76 20.79 16.66
N ASP C 176 27.76 19.85 15.71
CA ASP C 176 28.99 19.39 15.09
C ASP C 176 29.24 20.00 13.70
N SER C 177 28.35 20.86 13.22
CA SER C 177 28.53 21.61 11.98
C SER C 177 28.62 20.72 10.75
N THR C 178 28.05 19.52 10.80
CA THR C 178 28.02 18.62 9.66
C THR C 178 26.69 18.73 8.92
N TYR C 179 26.66 18.12 7.74
CA TYR C 179 25.46 18.01 6.91
C TYR C 179 25.02 16.56 6.85
N SER C 180 23.77 16.36 6.45
CA SER C 180 23.26 15.03 6.13
C SER C 180 22.42 15.13 4.87
N MET C 181 22.29 14.01 4.16
CA MET C 181 21.47 14.02 2.97
C MET C 181 20.79 12.68 2.80
N SER C 182 19.60 12.72 2.22
CA SER C 182 18.79 11.53 1.96
C SER C 182 18.60 11.39 0.46
N SER C 183 18.81 10.18 -0.04
CA SER C 183 18.62 9.87 -1.45
C SER C 183 17.60 8.75 -1.57
N THR C 184 16.56 8.97 -2.36
CA THR C 184 15.49 8.00 -2.55
C THR C 184 15.41 7.63 -4.02
N LEU C 185 15.71 6.38 -4.34
CA LEU C 185 15.52 5.83 -5.67
C LEU C 185 14.15 5.16 -5.72
N THR C 186 13.22 5.75 -6.46
CA THR C 186 11.86 5.24 -6.55
C THR C 186 11.66 4.50 -7.86
N LEU C 187 11.34 3.22 -7.76
CA LEU C 187 11.08 2.37 -8.91
C LEU C 187 9.68 1.79 -8.82
N THR C 188 9.18 1.25 -9.93
CA THR C 188 7.99 0.43 -9.89
C THR C 188 8.33 -0.93 -9.27
N LYS C 189 7.30 -1.62 -8.79
CA LYS C 189 7.52 -2.97 -8.26
C LYS C 189 8.12 -3.88 -9.32
N ASP C 190 7.55 -3.85 -10.54
CA ASP C 190 8.05 -4.71 -11.62
C ASP C 190 9.52 -4.45 -11.91
N GLU C 191 9.92 -3.17 -11.95
CA GLU C 191 11.33 -2.85 -12.17
C GLU C 191 12.19 -3.36 -11.03
N TYR C 192 11.74 -3.17 -9.79
CA TYR C 192 12.50 -3.64 -8.64
C TYR C 192 12.63 -5.15 -8.63
N GLU C 193 11.59 -5.87 -9.07
CA GLU C 193 11.64 -7.33 -9.09
C GLU C 193 12.47 -7.89 -10.25
N ARG C 194 12.81 -7.07 -11.24
CA ARG C 194 13.60 -7.51 -12.38
C ARG C 194 15.09 -7.45 -12.13
N HIS C 195 15.53 -6.90 -11.00
CA HIS C 195 16.94 -6.79 -10.66
C HIS C 195 17.13 -7.26 -9.22
N ASN C 196 18.39 -7.35 -8.80
CA ASN C 196 18.68 -7.94 -7.49
C ASN C 196 19.59 -7.10 -6.60
N SER C 197 20.68 -6.59 -7.15
CA SER C 197 21.65 -5.86 -6.34
C SER C 197 21.41 -4.37 -6.47
N TYR C 198 21.27 -3.69 -5.33
CA TYR C 198 21.06 -2.25 -5.30
C TYR C 198 22.14 -1.62 -4.46
N THR C 199 22.82 -0.62 -5.02
CA THR C 199 23.97 0.01 -4.38
C THR C 199 23.82 1.53 -4.42
N CYS C 200 24.12 2.19 -3.31
CA CYS C 200 24.33 3.63 -3.30
C CYS C 200 25.75 3.93 -2.85
N GLU C 201 26.39 4.86 -3.55
CA GLU C 201 27.78 5.19 -3.31
C GLU C 201 27.91 6.66 -2.94
N ALA C 202 28.70 6.94 -1.92
CA ALA C 202 29.02 8.31 -1.52
C ALA C 202 30.36 8.67 -2.15
N THR C 203 30.32 9.63 -3.07
CA THR C 203 31.51 10.09 -3.78
C THR C 203 31.60 11.61 -3.69
N HIS C 204 32.80 12.12 -3.96
CA HIS C 204 32.99 13.55 -4.18
C HIS C 204 34.01 13.72 -5.31
N LYS C 205 34.05 14.93 -5.86
CA LYS C 205 34.81 15.20 -7.08
C LYS C 205 36.31 14.97 -6.92
N THR C 206 36.83 15.05 -5.70
CA THR C 206 38.27 14.97 -5.50
C THR C 206 38.75 13.57 -5.14
N SER C 207 37.85 12.63 -4.87
CA SER C 207 38.22 11.32 -4.37
C SER C 207 37.94 10.23 -5.40
N THR C 208 38.75 9.17 -5.33
CA THR C 208 38.57 7.99 -6.16
C THR C 208 38.06 6.78 -5.38
N SER C 209 37.97 6.87 -4.05
CA SER C 209 37.56 5.75 -3.22
C SER C 209 36.22 6.05 -2.57
N PRO C 210 35.10 5.56 -3.11
CA PRO C 210 33.80 5.88 -2.54
C PRO C 210 33.53 5.09 -1.27
N ILE C 211 32.42 5.45 -0.63
CA ILE C 211 31.84 4.66 0.45
C ILE C 211 30.59 4.00 -0.12
N VAL C 212 30.54 2.67 -0.05
CA VAL C 212 29.57 1.87 -0.76
C VAL C 212 28.72 1.10 0.25
N LYS C 213 27.42 1.06 0.00
CA LYS C 213 26.49 0.24 0.78
C LYS C 213 25.50 -0.39 -0.19
N SER C 214 25.24 -1.68 -0.01
CA SER C 214 24.37 -2.37 -0.95
C SER C 214 23.58 -3.46 -0.23
N PHE C 215 22.53 -3.92 -0.90
CA PHE C 215 21.77 -5.06 -0.47
C PHE C 215 21.32 -5.82 -1.72
N ASN C 216 20.90 -7.06 -1.50
CA ASN C 216 20.34 -7.89 -2.56
C ASN C 216 18.87 -8.12 -2.27
N ARG C 217 18.05 -8.10 -3.33
CA ARG C 217 16.63 -8.38 -3.14
C ARG C 217 16.38 -9.80 -2.63
N ASN C 218 17.20 -10.76 -3.05
CA ASN C 218 16.92 -12.16 -2.76
C ASN C 218 17.52 -12.66 -1.45
N GLU C 219 18.41 -11.91 -0.81
CA GLU C 219 19.01 -12.37 0.44
C GLU C 219 19.53 -11.18 1.24
N CYS C 220 19.76 -11.43 2.53
CA CYS C 220 20.26 -10.41 3.44
C CYS C 220 21.78 -10.26 3.34
N GLU D 1 7.67 34.35 30.64
CA GLU D 1 7.71 33.71 29.32
C GLU D 1 6.59 34.25 28.44
N VAL D 2 6.83 34.30 27.14
CA VAL D 2 5.87 34.82 26.17
C VAL D 2 5.53 33.72 25.18
N GLN D 3 4.24 33.49 24.97
CA GLN D 3 3.73 32.49 24.04
C GLN D 3 2.83 33.15 23.01
N LEU D 4 3.14 32.92 21.73
CA LEU D 4 2.27 33.32 20.62
C LEU D 4 2.02 32.07 19.80
N VAL D 5 0.85 31.45 19.98
CA VAL D 5 0.52 30.18 19.36
C VAL D 5 -0.45 30.44 18.23
N GLU D 6 -0.10 30.00 17.03
CA GLU D 6 -0.87 30.26 15.83
C GLU D 6 -1.60 29.01 15.36
N SER D 7 -2.74 29.23 14.71
CA SER D 7 -3.54 28.15 14.13
C SER D 7 -4.24 28.68 12.89
N GLY D 8 -4.83 27.76 12.13
CA GLY D 8 -5.66 28.11 11.00
C GLY D 8 -5.02 28.00 9.63
N GLY D 9 -3.71 27.80 9.55
CA GLY D 9 -3.06 27.65 8.26
C GLY D 9 -3.45 26.35 7.58
N GLY D 10 -3.40 26.36 6.26
CA GLY D 10 -3.72 25.16 5.50
C GLY D 10 -3.72 25.42 4.01
N LEU D 11 -4.36 24.52 3.28
CA LEU D 11 -4.43 24.59 1.82
C LEU D 11 -5.73 25.28 1.40
N VAL D 12 -5.61 26.28 0.53
CA VAL D 12 -6.74 27.04 0.02
C VAL D 12 -6.64 27.14 -1.49
N LYS D 13 -7.76 26.97 -2.18
CA LYS D 13 -7.78 27.17 -3.61
C LYS D 13 -7.56 28.65 -3.94
N PRO D 14 -7.02 28.95 -5.11
CA PRO D 14 -6.87 30.35 -5.52
C PRO D 14 -8.22 31.05 -5.57
N GLY D 15 -8.28 32.23 -4.94
CA GLY D 15 -9.51 32.97 -4.83
C GLY D 15 -10.35 32.63 -3.61
N GLY D 16 -9.89 31.73 -2.76
CA GLY D 16 -10.64 31.29 -1.60
C GLY D 16 -10.41 32.16 -0.38
N SER D 17 -10.92 31.67 0.76
CA SER D 17 -10.91 32.41 2.01
C SER D 17 -10.33 31.55 3.12
N LEU D 18 -9.56 32.20 4.01
CA LEU D 18 -8.94 31.50 5.13
C LEU D 18 -8.77 32.50 6.27
N LYS D 19 -8.94 32.00 7.50
CA LYS D 19 -8.83 32.81 8.71
C LYS D 19 -7.78 32.21 9.64
N LEU D 20 -6.79 33.01 10.00
CA LEU D 20 -5.72 32.61 10.91
C LEU D 20 -6.00 33.12 12.31
N SER D 21 -5.36 32.48 13.30
CA SER D 21 -5.55 32.81 14.70
C SER D 21 -4.19 32.82 15.40
N CYS D 22 -4.07 33.66 16.42
CA CYS D 22 -2.82 33.83 17.17
C CYS D 22 -3.18 34.09 18.63
N ALA D 23 -2.99 33.09 19.49
CA ALA D 23 -3.28 33.22 20.91
C ALA D 23 -2.01 33.64 21.64
N ALA D 24 -2.09 34.76 22.37
CA ALA D 24 -0.95 35.32 23.08
C ALA D 24 -1.11 35.13 24.58
N SER D 25 0.02 34.90 25.25
CA SER D 25 0.05 34.79 26.70
C SER D 25 1.45 35.17 27.20
N GLY D 26 1.50 35.60 28.45
CA GLY D 26 2.75 35.97 29.08
C GLY D 26 3.08 37.45 29.04
N PHE D 27 2.18 38.28 28.52
CA PHE D 27 2.37 39.73 28.53
C PHE D 27 0.99 40.38 28.47
N THR D 28 0.98 41.69 28.72
CA THR D 28 -0.26 42.47 28.70
C THR D 28 -0.63 42.69 27.23
N PHE D 29 -1.48 41.81 26.71
CA PHE D 29 -1.85 41.83 25.30
C PHE D 29 -2.49 43.15 24.90
N THR D 30 -3.18 43.82 25.83
CA THR D 30 -3.84 45.08 25.54
C THR D 30 -2.88 46.27 25.55
N ARG D 31 -1.62 46.07 25.92
CA ARG D 31 -0.64 47.14 26.01
C ARG D 31 0.29 47.19 24.81
N TYR D 32 0.15 46.27 23.86
CA TYR D 32 1.05 46.19 22.71
C TYR D 32 0.25 46.11 21.43
N ALA D 33 0.80 46.72 20.38
CA ALA D 33 0.27 46.54 19.03
C ALA D 33 0.73 45.19 18.48
N MET D 34 -0.08 44.62 17.59
CA MET D 34 0.18 43.29 17.05
C MET D 34 0.26 43.35 15.53
N SER D 35 1.10 42.48 14.96
CA SER D 35 1.37 42.50 13.53
C SER D 35 1.39 41.09 12.97
N TRP D 36 1.20 41.00 11.66
CA TRP D 36 1.37 39.76 10.91
C TRP D 36 2.49 39.95 9.89
N VAL D 37 3.43 39.02 9.88
CA VAL D 37 4.53 39.03 8.92
C VAL D 37 4.59 37.65 8.28
N ARG D 38 4.79 37.60 6.97
CA ARG D 38 4.88 36.34 6.25
C ARG D 38 6.27 36.16 5.64
N GLN D 39 6.68 34.89 5.54
CA GLN D 39 7.96 34.51 4.95
C GLN D 39 7.71 33.57 3.78
N THR D 40 8.16 33.99 2.60
CA THR D 40 7.97 33.25 1.37
C THR D 40 8.86 32.02 1.36
N PRO D 41 8.62 31.09 0.42
CA PRO D 41 9.50 29.92 0.28
C PRO D 41 10.97 30.27 0.14
N GLU D 42 11.28 31.45 -0.40
CA GLU D 42 12.66 31.89 -0.58
C GLU D 42 13.22 32.63 0.63
N LYS D 43 12.52 32.52 1.77
CA LYS D 43 12.92 33.13 3.04
C LYS D 43 12.75 34.64 3.07
N ARG D 44 12.02 35.20 2.10
CA ARG D 44 11.77 36.64 2.04
C ARG D 44 10.73 37.01 3.10
N LEU D 45 11.09 37.94 3.99
CA LEU D 45 10.20 38.40 5.05
C LEU D 45 9.42 39.62 4.57
N GLU D 46 8.10 39.59 4.77
CA GLU D 46 7.21 40.63 4.27
C GLU D 46 6.16 40.94 5.33
N TRP D 47 6.17 42.16 5.84
CA TRP D 47 5.09 42.63 6.70
C TRP D 47 3.79 42.72 5.90
N VAL D 48 2.68 42.30 6.51
CA VAL D 48 1.39 42.28 5.84
C VAL D 48 0.37 43.20 6.51
N ALA D 49 0.38 43.28 7.85
CA ALA D 49 -0.65 44.03 8.55
C ALA D 49 -0.23 44.26 9.99
N THR D 50 -0.83 45.28 10.60
CA THR D 50 -0.58 45.64 12.00
C THR D 50 -1.86 46.24 12.57
N ILE D 51 -2.13 45.94 13.84
CA ILE D 51 -3.31 46.45 14.53
C ILE D 51 -2.86 47.03 15.86
N SER D 52 -3.50 48.14 16.27
CA SER D 52 -3.13 48.85 17.47
C SER D 52 -3.59 48.08 18.72
N ASN D 53 -3.38 48.69 19.89
CA ASN D 53 -3.67 48.03 21.16
C ASN D 53 -5.14 47.65 21.27
N GLY D 54 -6.03 48.63 21.14
CA GLY D 54 -7.46 48.40 21.27
C GLY D 54 -8.16 47.94 20.02
N GLY D 55 -7.45 47.90 18.89
CA GLY D 55 -8.03 47.44 17.64
C GLY D 55 -8.67 48.52 16.79
N SER D 56 -8.69 49.77 17.25
CA SER D 56 -9.38 50.82 16.52
C SER D 56 -8.66 51.21 15.23
N TYR D 57 -7.40 50.84 15.06
CA TYR D 57 -6.63 51.31 13.91
C TYR D 57 -5.83 50.15 13.31
N THR D 58 -5.94 49.99 12.01
CA THR D 58 -5.29 48.90 11.28
C THR D 58 -4.51 49.46 10.11
N TYR D 59 -3.44 48.75 9.75
CA TYR D 59 -2.54 49.15 8.68
C TYR D 59 -2.19 47.93 7.85
N TYR D 60 -2.21 48.08 6.53
CA TYR D 60 -2.06 46.96 5.62
C TYR D 60 -1.05 47.26 4.53
N LEU D 61 -0.31 46.23 4.13
CA LEU D 61 0.49 46.29 2.91
C LEU D 61 -0.43 46.55 1.72
N ASP D 62 0.08 47.32 0.74
CA ASP D 62 -0.78 47.79 -0.34
C ASP D 62 -1.33 46.63 -1.17
N SER D 63 -0.48 45.66 -1.51
CA SER D 63 -0.91 44.49 -2.25
C SER D 63 -1.88 43.61 -1.46
N VAL D 64 -2.15 43.96 -0.21
CA VAL D 64 -3.04 43.19 0.65
C VAL D 64 -4.34 43.93 0.96
N LYS D 65 -4.33 45.27 0.91
CA LYS D 65 -5.53 46.08 1.17
C LYS D 65 -6.73 45.56 0.41
N GLY D 66 -7.87 45.50 1.11
CA GLY D 66 -9.11 45.05 0.52
C GLY D 66 -9.29 43.55 0.45
N ARG D 67 -8.24 42.77 0.74
CA ARG D 67 -8.31 41.32 0.72
C ARG D 67 -8.11 40.69 2.08
N PHE D 68 -7.25 41.27 2.92
CA PHE D 68 -7.01 40.78 4.28
C PHE D 68 -7.62 41.76 5.29
N THR D 69 -8.12 41.20 6.38
CA THR D 69 -8.65 42.00 7.49
C THR D 69 -8.17 41.38 8.80
N LEU D 70 -7.40 42.13 9.58
CA LEU D 70 -6.91 41.65 10.85
C LEU D 70 -7.69 42.29 11.99
N SER D 71 -7.88 41.52 13.06
CA SER D 71 -8.65 41.97 14.21
C SER D 71 -8.12 41.26 15.45
N ARG D 72 -8.56 41.73 16.61
CA ARG D 72 -8.12 41.16 17.88
C ARG D 72 -9.29 41.06 18.84
N ASP D 73 -9.33 39.98 19.60
CA ASP D 73 -10.29 39.76 20.67
C ASP D 73 -9.49 39.86 21.96
N ASN D 74 -9.35 41.09 22.48
CA ASN D 74 -8.50 41.31 23.64
C ASN D 74 -8.99 40.57 24.88
N ALA D 75 -10.28 40.23 24.96
CA ALA D 75 -10.76 39.39 26.05
C ALA D 75 -10.19 37.99 25.96
N LYS D 76 -9.93 37.50 24.74
CA LYS D 76 -9.35 36.18 24.51
C LYS D 76 -7.86 36.23 24.24
N ASN D 77 -7.24 37.40 24.25
CA ASN D 77 -5.81 37.56 23.97
C ASN D 77 -5.45 36.94 22.62
N THR D 78 -6.37 37.05 21.66
CA THR D 78 -6.23 36.39 20.37
C THR D 78 -6.22 37.43 19.26
N LEU D 79 -5.26 37.28 18.34
CA LEU D 79 -5.18 38.08 17.14
C LEU D 79 -5.69 37.26 15.95
N TYR D 80 -6.38 37.92 15.03
CA TYR D 80 -6.96 37.24 13.88
C TYR D 80 -6.50 37.88 12.59
N LEU D 81 -6.54 37.08 11.51
CA LEU D 81 -6.24 37.56 10.16
C LEU D 81 -7.22 36.86 9.21
N GLN D 82 -8.22 37.60 8.75
CA GLN D 82 -9.19 37.08 7.80
C GLN D 82 -8.67 37.33 6.39
N MET D 83 -8.33 36.26 5.68
CA MET D 83 -7.80 36.36 4.33
C MET D 83 -8.89 36.01 3.32
N SER D 84 -8.97 36.79 2.25
CA SER D 84 -9.95 36.56 1.19
C SER D 84 -9.30 36.86 -0.15
N SER D 85 -9.87 36.27 -1.20
CA SER D 85 -9.36 36.43 -2.56
C SER D 85 -7.87 36.11 -2.63
N LEU D 86 -7.52 34.93 -2.12
CA LEU D 86 -6.13 34.56 -1.98
C LEU D 86 -5.49 34.31 -3.34
N ARG D 87 -4.32 34.89 -3.55
CA ARG D 87 -3.52 34.68 -4.76
C ARG D 87 -2.46 33.64 -4.50
N SER D 88 -1.89 33.11 -5.59
CA SER D 88 -0.83 32.13 -5.47
C SER D 88 0.40 32.73 -4.80
N GLU D 89 0.63 34.03 -4.96
CA GLU D 89 1.74 34.71 -4.33
C GLU D 89 1.51 35.00 -2.84
N ASP D 90 0.39 34.56 -2.28
CA ASP D 90 0.17 34.63 -0.84
C ASP D 90 0.66 33.39 -0.10
N THR D 91 1.12 32.38 -0.83
CA THR D 91 1.70 31.19 -0.21
C THR D 91 2.96 31.57 0.55
N ALA D 92 2.93 31.34 1.87
CA ALA D 92 4.04 31.71 2.74
C ALA D 92 3.77 31.17 4.13
N MET D 93 4.79 31.26 4.99
CA MET D 93 4.65 30.99 6.41
C MET D 93 4.29 32.29 7.11
N TYR D 94 3.11 32.31 7.75
CA TYR D 94 2.59 33.52 8.38
C TYR D 94 2.90 33.52 9.87
N TYR D 95 3.53 34.59 10.33
CA TYR D 95 3.84 34.79 11.74
C TYR D 95 3.02 35.94 12.30
N CYS D 96 2.54 35.78 13.53
CA CYS D 96 2.09 36.92 14.33
C CYS D 96 3.24 37.35 15.22
N ALA D 97 3.36 38.65 15.42
CA ALA D 97 4.49 39.22 16.17
C ALA D 97 4.00 40.39 17.00
N ARG D 98 4.57 40.54 18.19
CA ARG D 98 4.26 41.67 19.05
C ARG D 98 5.07 42.87 18.60
N ARG D 99 4.37 43.93 18.17
CA ARG D 99 5.03 45.18 17.84
C ARG D 99 5.67 45.77 19.09
N GLU D 100 6.93 46.16 18.98
CA GLU D 100 7.61 46.81 20.09
C GLU D 100 7.43 48.33 19.95
N GLY D 101 8.30 49.11 20.61
CA GLY D 101 8.21 50.54 20.47
C GLY D 101 6.92 51.08 21.05
N GLY D 102 6.42 52.15 20.44
CA GLY D 102 5.27 52.89 20.95
C GLY D 102 4.00 52.62 20.18
N GLN D 103 2.98 53.43 20.52
CA GLN D 103 1.67 53.29 19.91
C GLN D 103 1.66 53.73 18.44
N ALA D 104 2.47 54.73 18.09
CA ALA D 104 2.53 55.22 16.73
C ALA D 104 3.84 54.78 16.08
N GLY D 105 3.81 54.63 14.75
CA GLY D 105 5.00 54.33 13.98
C GLY D 105 5.39 52.86 13.92
N PRO D 106 6.02 52.47 12.79
CA PRO D 106 6.54 51.10 12.65
C PRO D 106 7.64 50.84 13.65
N ALA D 107 7.81 49.58 14.02
CA ALA D 107 8.82 49.24 15.02
C ALA D 107 9.34 47.84 14.71
N TRP D 108 10.01 47.25 15.69
CA TRP D 108 10.62 45.94 15.58
C TRP D 108 9.80 44.91 16.36
N PHE D 109 10.20 43.65 16.25
CA PHE D 109 9.43 42.53 16.82
C PHE D 109 10.37 41.66 17.65
N VAL D 110 10.17 41.65 18.97
CA VAL D 110 10.92 40.76 19.84
C VAL D 110 10.33 39.35 19.83
N TYR D 111 9.01 39.25 19.97
CA TYR D 111 8.34 37.96 20.15
C TYR D 111 7.54 37.61 18.91
N TRP D 112 7.80 36.42 18.37
CA TRP D 112 7.12 35.89 17.20
C TRP D 112 6.38 34.63 17.58
N GLY D 113 5.40 34.27 16.76
CA GLY D 113 4.76 32.98 16.87
C GLY D 113 5.59 31.90 16.22
N GLN D 114 5.12 30.66 16.34
CA GLN D 114 5.81 29.56 15.68
C GLN D 114 5.56 29.52 14.18
N GLY D 115 4.60 30.30 13.69
CA GLY D 115 4.32 30.34 12.28
C GLY D 115 3.34 29.26 11.85
N THR D 116 2.47 29.60 10.91
CA THR D 116 1.56 28.63 10.32
C THR D 116 1.59 28.78 8.81
N LEU D 117 1.58 27.65 8.11
CA LEU D 117 1.79 27.64 6.67
C LEU D 117 0.47 27.79 5.93
N VAL D 118 0.44 28.72 4.96
CA VAL D 118 -0.71 28.91 4.10
C VAL D 118 -0.28 28.58 2.68
N THR D 119 -0.93 27.59 2.08
CA THR D 119 -0.65 27.18 0.72
C THR D 119 -1.85 27.55 -0.15
N VAL D 120 -1.60 28.31 -1.20
CA VAL D 120 -2.63 28.67 -2.17
C VAL D 120 -2.26 27.96 -3.47
N SER D 121 -2.95 26.86 -3.76
CA SER D 121 -2.66 26.06 -4.93
C SER D 121 -3.92 25.31 -5.33
N ALA D 122 -3.96 24.91 -6.60
CA ALA D 122 -5.04 24.06 -7.09
C ALA D 122 -4.76 22.58 -6.90
N ALA D 123 -3.57 22.21 -6.43
CA ALA D 123 -3.30 20.81 -6.14
C ALA D 123 -4.13 20.34 -4.95
N LYS D 124 -4.43 19.05 -4.93
CA LYS D 124 -5.40 18.48 -4.02
C LYS D 124 -4.72 17.87 -2.80
N THR D 125 -5.42 17.93 -1.67
CA THR D 125 -4.93 17.34 -0.43
C THR D 125 -4.70 15.85 -0.63
N THR D 126 -3.57 15.35 -0.13
CA THR D 126 -3.22 13.94 -0.24
C THR D 126 -2.57 13.46 1.05
N PRO D 127 -3.15 12.44 1.71
CA PRO D 127 -2.50 11.90 2.90
C PRO D 127 -1.23 11.16 2.53
N PRO D 128 -0.25 11.10 3.42
CA PRO D 128 1.01 10.42 3.10
C PRO D 128 0.92 8.92 3.27
N SER D 129 1.79 8.23 2.54
CA SER D 129 2.12 6.85 2.85
C SER D 129 3.33 6.84 3.78
N VAL D 130 3.21 6.13 4.90
CA VAL D 130 4.29 6.01 5.86
C VAL D 130 4.86 4.60 5.76
N TYR D 131 6.15 4.49 5.48
CA TYR D 131 6.82 3.22 5.27
C TYR D 131 7.99 3.07 6.23
N PRO D 132 8.12 1.93 6.90
CA PRO D 132 9.27 1.71 7.76
C PRO D 132 10.53 1.42 6.95
N LEU D 133 11.66 1.93 7.45
CA LEU D 133 12.97 1.72 6.85
C LEU D 133 13.83 0.96 7.85
N ALA D 134 13.99 -0.34 7.64
CA ALA D 134 14.81 -1.22 8.45
C ALA D 134 16.02 -1.71 7.64
N PRO D 135 17.13 -2.01 8.30
CA PRO D 135 18.31 -2.52 7.57
C PRO D 135 17.98 -3.77 6.76
N GLY D 136 18.69 -3.93 5.65
CA GLY D 136 18.52 -5.10 4.79
C GLY D 136 19.82 -5.84 4.54
N ASN D 142 28.21 -1.06 12.06
CA ASN D 142 28.88 -0.04 12.85
C ASN D 142 28.67 -0.24 14.34
N SER D 143 28.93 0.80 15.12
CA SER D 143 28.69 0.75 16.56
C SER D 143 27.21 0.93 16.90
N MET D 144 26.49 1.66 16.07
CA MET D 144 25.06 1.90 16.25
C MET D 144 24.31 1.39 15.02
N VAL D 145 22.98 1.35 15.13
CA VAL D 145 22.11 0.96 14.03
C VAL D 145 21.25 2.16 13.66
N THR D 146 21.17 2.45 12.36
CA THR D 146 20.38 3.56 11.85
C THR D 146 19.10 3.01 11.24
N LEU D 147 17.97 3.43 11.78
CA LEU D 147 16.65 3.12 11.23
C LEU D 147 16.07 4.37 10.59
N GLY D 148 14.96 4.20 9.87
CA GLY D 148 14.40 5.31 9.14
C GLY D 148 12.90 5.18 8.94
N CYS D 149 12.33 6.25 8.39
CA CYS D 149 10.90 6.33 8.11
C CYS D 149 10.69 7.14 6.85
N LEU D 150 9.97 6.57 5.88
CA LEU D 150 9.71 7.21 4.60
C LEU D 150 8.26 7.71 4.58
N VAL D 151 8.10 9.02 4.40
CA VAL D 151 6.80 9.69 4.36
C VAL D 151 6.59 10.18 2.94
N LYS D 152 5.81 9.44 2.16
CA LYS D 152 5.77 9.60 0.71
C LYS D 152 4.42 10.12 0.23
N GLY D 153 4.47 11.08 -0.69
CA GLY D 153 3.31 11.52 -1.43
C GLY D 153 2.22 12.18 -0.62
N TYR D 154 2.50 13.35 -0.07
CA TYR D 154 1.50 14.10 0.69
C TYR D 154 1.46 15.55 0.21
N PHE D 155 0.32 16.19 0.45
CA PHE D 155 0.12 17.59 0.10
C PHE D 155 -1.03 18.12 0.92
N PRO D 156 -0.92 19.33 1.50
CA PRO D 156 0.30 20.12 1.43
C PRO D 156 1.20 19.90 2.64
N GLU D 157 2.24 20.73 2.76
N GLU D 157 2.24 20.73 2.75
CA GLU D 157 3.02 20.77 3.97
CA GLU D 157 3.02 20.80 3.97
C GLU D 157 2.20 21.42 5.09
C GLU D 157 2.18 21.42 5.09
N PRO D 158 2.53 21.15 6.36
CA PRO D 158 3.62 20.29 6.83
C PRO D 158 3.19 18.90 7.28
N VAL D 159 4.20 18.08 7.59
CA VAL D 159 4.04 16.88 8.41
C VAL D 159 4.92 17.07 9.64
N THR D 160 4.55 16.36 10.71
CA THR D 160 5.37 16.32 11.91
C THR D 160 5.80 14.89 12.15
N VAL D 161 7.11 14.67 12.28
CA VAL D 161 7.69 13.35 12.50
C VAL D 161 8.40 13.36 13.85
N THR D 162 8.01 12.45 14.73
CA THR D 162 8.71 12.20 15.98
C THR D 162 9.01 10.71 16.07
N TRP D 163 9.92 10.35 16.97
CA TRP D 163 10.31 8.97 17.19
C TRP D 163 9.97 8.57 18.61
N ASN D 164 9.23 7.46 18.74
CA ASN D 164 8.75 6.97 20.04
C ASN D 164 8.01 8.06 20.80
N SER D 165 7.12 8.76 20.08
CA SER D 165 6.30 9.83 20.65
C SER D 165 7.18 10.90 21.31
N GLY D 166 8.30 11.22 20.67
CA GLY D 166 9.19 12.26 21.14
C GLY D 166 10.18 11.84 22.19
N SER D 167 10.00 10.68 22.83
CA SER D 167 10.96 10.24 23.85
C SER D 167 12.32 9.97 23.24
N LEU D 168 12.36 9.59 21.96
CA LEU D 168 13.61 9.34 21.25
C LEU D 168 13.86 10.56 20.37
N SER D 169 14.79 11.42 20.81
CA SER D 169 15.09 12.65 20.10
C SER D 169 16.56 12.79 19.70
N SER D 170 17.48 12.11 20.39
CA SER D 170 18.88 12.19 20.03
C SER D 170 19.15 11.38 18.77
N GLY D 171 20.13 11.85 17.99
CA GLY D 171 20.53 11.17 16.78
C GLY D 171 19.46 11.09 15.71
N VAL D 172 18.59 12.10 15.64
CA VAL D 172 17.51 12.15 14.67
C VAL D 172 17.86 13.15 13.59
N HIS D 173 17.73 12.75 12.33
CA HIS D 173 17.80 13.66 11.19
C HIS D 173 16.50 13.53 10.41
N THR D 174 15.66 14.56 10.47
CA THR D 174 14.46 14.63 9.64
C THR D 174 14.76 15.55 8.47
N PHE D 175 14.71 15.00 7.26
CA PHE D 175 15.15 15.72 6.07
C PHE D 175 14.03 16.61 5.54
N PRO D 176 14.40 17.78 5.00
CA PRO D 176 13.37 18.65 4.40
C PRO D 176 12.70 17.94 3.24
N ALA D 177 11.40 18.20 3.11
CA ALA D 177 10.62 17.54 2.07
C ALA D 177 11.00 18.07 0.70
N VAL D 178 10.97 17.18 -0.29
CA VAL D 178 11.24 17.54 -1.68
C VAL D 178 9.93 17.42 -2.45
N LEU D 179 9.57 18.47 -3.17
CA LEU D 179 8.32 18.49 -3.92
C LEU D 179 8.53 17.81 -5.26
N GLN D 180 7.65 16.88 -5.60
CA GLN D 180 7.73 16.15 -6.86
C GLN D 180 6.32 16.05 -7.42
N SER D 181 6.02 16.85 -8.44
CA SER D 181 4.71 16.86 -9.09
C SER D 181 3.58 17.06 -8.08
N ASP D 182 3.62 18.20 -7.41
CA ASP D 182 2.60 18.64 -6.47
C ASP D 182 2.38 17.64 -5.32
N LEU D 183 3.36 16.77 -5.08
CA LEU D 183 3.34 15.86 -3.94
C LEU D 183 4.69 15.92 -3.24
N TYR D 184 4.67 15.91 -1.92
CA TYR D 184 5.88 15.97 -1.12
C TYR D 184 6.27 14.59 -0.64
N THR D 185 7.58 14.37 -0.53
CA THR D 185 8.14 13.15 0.03
C THR D 185 9.20 13.53 1.05
N LEU D 186 9.13 12.90 2.23
CA LEU D 186 10.02 13.22 3.33
C LEU D 186 10.53 11.93 3.94
N SER D 187 11.74 11.98 4.50
CA SER D 187 12.30 10.85 5.22
C SER D 187 12.93 11.34 6.52
N SER D 188 12.97 10.46 7.51
CA SER D 188 13.60 10.75 8.79
C SER D 188 14.43 9.55 9.20
N SER D 189 15.67 9.80 9.61
CA SER D 189 16.55 8.76 10.12
C SER D 189 16.74 8.94 11.63
N VAL D 190 16.89 7.82 12.32
CA VAL D 190 17.24 7.82 13.73
C VAL D 190 18.31 6.75 13.94
N THR D 191 19.29 7.07 14.79
CA THR D 191 20.42 6.19 15.05
C THR D 191 20.42 5.84 16.54
N VAL D 192 20.25 4.56 16.85
CA VAL D 192 20.14 4.10 18.23
C VAL D 192 21.21 3.04 18.46
N PRO D 193 21.53 2.75 19.72
CA PRO D 193 22.55 1.73 20.01
C PRO D 193 22.20 0.37 19.41
N SER D 194 23.24 -0.39 19.07
CA SER D 194 23.04 -1.70 18.47
C SER D 194 22.31 -2.65 19.41
N SER D 195 22.53 -2.51 20.72
CA SER D 195 21.81 -3.33 21.68
C SER D 195 20.33 -2.96 21.76
N THR D 196 20.00 -1.71 21.44
CA THR D 196 18.63 -1.22 21.60
C THR D 196 17.68 -1.90 20.63
N TRP D 197 18.06 -2.00 19.38
CA TRP D 197 17.20 -2.53 18.34
C TRP D 197 17.70 -3.90 17.87
N PRO D 198 16.79 -4.85 17.57
CA PRO D 198 15.33 -4.74 17.55
C PRO D 198 14.64 -5.08 18.86
N SER D 199 15.39 -5.24 19.94
CA SER D 199 14.79 -5.60 21.22
C SER D 199 13.80 -4.54 21.68
N GLU D 200 14.24 -3.28 21.74
CA GLU D 200 13.39 -2.18 22.14
C GLU D 200 12.68 -1.61 20.93
N THR D 201 11.35 -1.50 21.03
CA THR D 201 10.54 -1.09 19.90
C THR D 201 10.84 0.35 19.52
N VAL D 202 11.07 0.58 18.22
CA VAL D 202 11.27 1.91 17.66
C VAL D 202 10.09 2.22 16.76
N THR D 203 9.37 3.29 17.08
CA THR D 203 8.14 3.64 16.38
C THR D 203 8.28 5.02 15.74
N CYS D 204 7.78 5.12 14.51
CA CYS D 204 7.78 6.37 13.75
C CYS D 204 6.39 7.00 13.82
N ASN D 205 6.31 8.23 14.32
CA ASN D 205 5.05 8.95 14.50
C ASN D 205 4.95 10.04 13.44
N VAL D 206 4.00 9.88 12.51
CA VAL D 206 3.80 10.84 11.43
C VAL D 206 2.40 11.41 11.55
N ALA D 207 2.31 12.74 11.62
CA ALA D 207 1.04 13.45 11.61
C ALA D 207 0.96 14.33 10.37
N HIS D 208 -0.22 14.36 9.76
CA HIS D 208 -0.50 15.23 8.62
C HIS D 208 -1.83 15.92 8.88
N PRO D 209 -1.81 17.07 9.55
CA PRO D 209 -3.08 17.71 9.94
C PRO D 209 -3.98 18.07 8.77
N ALA D 210 -3.41 18.42 7.62
CA ALA D 210 -4.22 18.79 6.46
C ALA D 210 -5.14 17.65 6.03
N SER D 211 -4.69 16.40 6.13
CA SER D 211 -5.51 15.25 5.80
C SER D 211 -6.05 14.52 7.03
N SER D 212 -5.79 15.05 8.23
CA SER D 212 -6.28 14.47 9.47
C SER D 212 -5.84 13.01 9.63
N THR D 213 -4.54 12.77 9.38
CA THR D 213 -3.98 11.44 9.50
C THR D 213 -2.86 11.45 10.53
N LYS D 214 -2.86 10.43 11.40
CA LYS D 214 -1.81 10.21 12.38
C LYS D 214 -1.43 8.73 12.32
N VAL D 215 -0.19 8.44 11.91
CA VAL D 215 0.27 7.08 11.68
C VAL D 215 1.42 6.79 12.64
N ASP D 216 1.31 5.67 13.35
CA ASP D 216 2.42 5.12 14.12
C ASP D 216 2.86 3.83 13.43
N LYS D 217 4.09 3.82 12.94
N LYS D 217 4.09 3.82 12.94
CA LYS D 217 4.62 2.67 12.18
CA LYS D 217 4.63 2.69 12.19
C LYS D 217 5.83 2.12 12.90
C LYS D 217 5.83 2.13 12.93
N LYS D 218 5.73 0.87 13.36
CA LYS D 218 6.85 0.21 14.02
C LYS D 218 7.93 -0.14 13.00
N ILE D 219 9.18 -0.10 13.45
CA ILE D 219 10.33 -0.43 12.60
C ILE D 219 10.63 -1.90 12.86
N VAL D 220 10.08 -2.77 12.02
CA VAL D 220 10.26 -4.21 12.16
C VAL D 220 11.44 -4.66 11.30
N PRO D 221 12.28 -5.57 11.79
CA PRO D 221 13.47 -5.95 11.02
C PRO D 221 13.13 -6.82 9.82
N ARG D 222 13.98 -6.73 8.80
CA ARG D 222 13.84 -7.60 7.64
C ARG D 222 14.04 -9.06 8.05
N ASP D 223 13.20 -9.92 7.51
CA ASP D 223 13.24 -11.35 7.85
C ASP D 223 14.28 -12.05 6.98
N CYS D 224 15.25 -12.70 7.64
CA CYS D 224 16.28 -13.44 6.92
C CYS D 224 16.18 -14.92 7.23
C1 GOL E . -22.57 8.30 -11.46
O1 GOL E . -21.29 8.78 -11.22
C2 GOL E . -22.79 8.43 -12.98
O2 GOL E . -22.36 9.67 -13.46
C3 GOL E . -24.30 8.19 -13.19
O3 GOL E . -24.52 6.83 -13.02
C1 GOL F . 1.11 5.90 -3.17
O1 GOL F . 0.17 6.34 -4.08
C2 GOL F . 2.18 7.01 -3.06
O2 GOL F . 2.12 7.68 -1.87
C3 GOL F . 3.51 6.28 -3.22
O3 GOL F . 3.66 5.48 -2.10
C1 GOL G . -35.84 -7.68 -9.94
O1 GOL G . -35.35 -7.47 -11.22
C2 GOL G . -35.59 -9.17 -9.61
O2 GOL G . -34.32 -9.54 -10.00
C3 GOL G . -35.78 -9.29 -8.09
O3 GOL G . -35.26 -10.54 -7.72
S SO4 H . -3.61 4.81 -10.99
O1 SO4 H . -4.66 5.39 -11.81
O2 SO4 H . -2.47 5.70 -10.96
O3 SO4 H . -4.11 4.62 -9.65
O4 SO4 H . -3.22 3.53 -11.55
S SO4 I . -22.47 -34.86 -3.04
O1 SO4 I . -23.44 -33.83 -2.74
O2 SO4 I . -21.19 -34.26 -3.36
O3 SO4 I . -22.33 -35.72 -1.88
O4 SO4 I . -22.92 -35.64 -4.18
C1 PGE J . -13.96 -24.68 -8.71
O1 PGE J . -14.80 -24.66 -9.87
C2 PGE J . -14.06 -26.05 -8.07
O2 PGE J . -13.31 -26.98 -8.84
C3 PGE J . -13.88 -28.28 -8.88
C4 PGE J . -13.42 -29.10 -7.68
O4 PGE J . -8.87 -29.84 -8.25
C6 PGE J . -9.74 -28.79 -7.87
C5 PGE J . -11.13 -29.07 -8.42
O3 PGE J . -12.06 -28.84 -7.38
C1 GOL K . -4.49 -27.50 -1.13
O1 GOL K . -5.56 -28.19 -0.58
C2 GOL K . -3.25 -27.83 -0.25
O2 GOL K . -2.98 -29.20 -0.23
C3 GOL K . -2.09 -27.01 -0.86
O3 GOL K . -0.95 -27.29 -0.13
C1 GOL L . -11.10 -19.47 -4.20
O1 GOL L . -11.41 -19.14 -2.87
C2 GOL L . -9.57 -19.50 -4.31
O2 GOL L . -8.97 -20.03 -3.17
C3 GOL L . -9.27 -20.32 -5.57
O3 GOL L . -9.44 -19.47 -6.66
S SO4 M . 1.54 -57.76 -6.59
O1 SO4 M . 0.60 -56.68 -6.33
O2 SO4 M . 2.80 -57.50 -5.92
O3 SO4 M . 0.98 -58.99 -6.06
O4 SO4 M . 1.75 -57.88 -8.03
C1 GOL N . 8.60 30.22 17.85
O1 GOL N . 9.18 31.11 18.75
C2 GOL N . 9.32 28.86 18.02
O2 GOL N . 8.45 27.80 17.82
C3 GOL N . 10.46 28.89 16.96
O3 GOL N . 11.46 29.71 17.48
C1 GOL O . 40.75 9.41 -1.72
O1 GOL O . 40.92 10.54 -2.52
C2 GOL O . 40.07 9.90 -0.43
O2 GOL O . 39.87 8.87 0.48
C3 GOL O . 41.01 10.99 0.11
O3 GOL O . 42.24 10.38 0.34
C1 GOL P . 17.66 5.08 -16.06
O1 GOL P . 18.04 3.93 -16.76
C2 GOL P . 18.57 6.23 -16.56
O2 GOL P . 18.41 7.38 -15.78
C3 GOL P . 20.01 5.68 -16.48
O3 GOL P . 20.87 6.78 -16.40
S SO4 Q . 12.99 64.83 8.89
O1 SO4 Q . 11.55 64.90 8.79
O2 SO4 Q . 13.55 66.15 9.09
O3 SO4 Q . 13.33 63.97 10.00
O4 SO4 Q . 13.51 64.27 7.65
S SO4 R . 14.23 26.01 7.35
O1 SO4 R . 13.63 26.26 8.63
O2 SO4 R . 15.22 27.02 7.06
O3 SO4 R . 14.86 24.71 7.39
O4 SO4 R . 13.21 26.03 6.32
S SO4 S . 18.05 30.28 20.26
O1 SO4 S . 17.68 31.13 21.38
O2 SO4 S . 19.39 30.63 19.80
O3 SO4 S . 18.03 28.91 20.70
O4 SO4 S . 17.12 30.48 19.17
S SO4 T . 7.77 -1.31 -15.81
O1 SO4 T . 7.29 -0.44 -16.86
O2 SO4 T . 9.10 -0.86 -15.39
O3 SO4 T . 6.87 -1.29 -14.68
O4 SO4 T . 7.87 -2.67 -16.32
S SO4 U . 4.25 43.45 30.20
O1 SO4 U . 5.18 43.77 29.14
O2 SO4 U . 3.95 44.64 30.97
O3 SO4 U . 4.84 42.46 31.08
O4 SO4 U . 3.04 42.91 29.61
S SO4 V . -6.46 51.96 20.18
O1 SO4 V . -5.80 51.80 21.47
O2 SO4 V . -5.86 53.07 19.46
O3 SO4 V . -7.87 52.22 20.41
O4 SO4 V . -6.30 50.74 19.41
#